data_5LWI
#
_entry.id   5LWI
#
_cell.length_a   1.000
_cell.length_b   1.000
_cell.length_c   1.000
_cell.angle_alpha   90.00
_cell.angle_beta   90.00
_cell.angle_gamma   90.00
#
_symmetry.space_group_name_H-M   'P 1'
#
loop_
_entity.id
_entity.type
_entity.pdbx_description
1 polymer VP1
2 polymer VP2
3 polymer 'Structural polyprotein'
#
loop_
_entity_poly.entity_id
_entity_poly.type
_entity_poly.pdbx_seq_one_letter_code
_entity_poly.pdbx_strand_id
1 'polypeptide(L)'
;INIGNKTNENVISFFDSTDAETQNHNALMKGCGEFIVNLRTLLRTFRTITDNWILQANTKTPITDLTNTTDAQGRDYMSY
LSYLYRFYRGGRRYKFFNTTPLKQSQTCYIRSFLIPRNYSADEINVDGPSHITYPVINPVHEVEVPFYSQYRKIPIASTS
DKGYDSSLMYFSNTATTQIVARAGNDDFTFGWMIGPPQLQGESRSVAP
;
A
2 'polypeptide(L)'
;SKPRNQQQVCPLQNVPAWGYSLYKGIDMSVPLAYDPNNELGDLKDVFPSAVDEMAIGYVCGNPAVKHVLTWKTTDAIQKP
IANGDDWGGVIPVGMPCYSKSIRTTRISATENRETEVMDAAPCEYVANMFSYWRATMCYRITVVKTAFHTGRLEIFFEPG
VIPVKPTVNNIGPDQDRLTGAVAPSDNNYKYILDLTNDTEVTIRVPFVSNKMFLKTAGIYGANSENNWNFHESFSGFLCI
RPVTKLMAPDTVSDNVSIVVWKWAEDVVVVEPKPLTSGPTQVYRPPPTASTAVEVLNVEL
;
C
3 'polypeptide(L)'
;SENSVETQEITTFHDVETPNRIDTPMAQDTSSARNMDDTHSIIQFLQRPVLIDNIEIIAGTTADANKPLSRYVLDQQNSQ
KYVRSWTLPSTVLRAGGKAQKLANFKYLRCDVQVKLVLNANPFVAGRMYLAYSPYDDKVDTARSVLQTSRAGVTGYPGVE
LDFQLDNSVEMTIPYASFQEAYDLVTGTEDFVQLYLFPITPVLGPKSESESSKVDISVYMWLSNISLVIPTYRINP
;
B
#
# COMPACT_ATOMS: atom_id res chain seq x y z
N ILE A 1 -27.62 10.73 -27.95
CA ILE A 1 -27.82 9.58 -28.87
C ILE A 1 -26.70 9.49 -29.90
N ASN A 2 -25.95 10.57 -30.08
CA ASN A 2 -24.89 10.64 -31.06
C ASN A 2 -23.70 9.73 -30.73
N ILE A 3 -22.88 9.49 -31.74
CA ILE A 3 -21.73 8.61 -31.60
C ILE A 3 -20.66 9.33 -30.79
N GLY A 4 -20.46 8.86 -29.56
CA GLY A 4 -19.52 9.46 -28.63
C GLY A 4 -19.70 8.84 -27.26
N ASN A 5 -18.97 9.35 -26.28
CA ASN A 5 -19.07 8.83 -24.92
C ASN A 5 -19.06 9.96 -23.91
N LYS A 6 -19.77 9.73 -22.81
CA LYS A 6 -19.86 10.64 -21.66
C LYS A 6 -19.43 9.89 -20.41
N THR A 7 -19.46 10.56 -19.26
CA THR A 7 -19.07 9.92 -18.00
C THR A 7 -20.24 9.77 -17.02
N ASN A 8 -21.05 10.82 -16.87
CA ASN A 8 -22.31 10.88 -16.08
C ASN A 8 -22.42 9.98 -14.85
N GLU A 9 -21.50 10.21 -13.91
CA GLU A 9 -21.28 9.32 -12.77
C GLU A 9 -22.51 9.17 -11.87
N ASN A 10 -22.86 7.92 -11.57
CA ASN A 10 -24.08 7.60 -10.82
C ASN A 10 -23.72 6.82 -9.58
N VAL A 11 -23.92 7.45 -8.42
CA VAL A 11 -23.86 6.74 -7.15
C VAL A 11 -25.30 6.33 -6.82
N ILE A 12 -25.72 5.20 -7.36
CA ILE A 12 -27.05 4.68 -7.09
C ILE A 12 -26.94 3.65 -5.96
N SER A 13 -27.94 3.62 -5.09
CA SER A 13 -27.84 2.84 -3.87
C SER A 13 -28.89 1.77 -3.81
N PHE A 14 -28.57 0.71 -3.07
CA PHE A 14 -29.53 -0.30 -2.67
C PHE A 14 -30.08 0.09 -1.29
N PHE A 15 -30.44 -0.90 -0.46
CA PHE A 15 -31.36 -0.76 0.70
C PHE A 15 -31.15 0.48 1.56
N ASP A 16 -32.22 1.21 1.81
CA ASP A 16 -32.12 2.57 2.34
C ASP A 16 -33.10 2.75 3.50
N SER A 17 -32.99 1.85 4.47
CA SER A 17 -33.86 1.88 5.65
C SER A 17 -33.55 3.09 6.54
N THR A 18 -32.33 3.15 7.07
CA THR A 18 -31.92 4.18 8.00
C THR A 18 -30.52 4.64 7.60
N ASP A 19 -30.07 5.75 8.19
CA ASP A 19 -28.68 6.19 8.01
C ASP A 19 -27.71 5.14 8.55
N ALA A 20 -26.60 4.96 7.86
CA ALA A 20 -25.65 3.91 8.18
C ALA A 20 -24.88 4.19 9.48
N GLU A 21 -24.47 5.45 9.67
CA GLU A 21 -23.66 5.82 10.82
C GLU A 21 -24.42 5.71 12.15
N THR A 22 -25.74 5.76 12.10
CA THR A 22 -26.55 5.65 13.31
C THR A 22 -26.67 4.19 13.76
N GLN A 23 -26.83 3.27 12.81
CA GLN A 23 -26.97 1.86 13.17
C GLN A 23 -25.65 1.23 13.62
N ASN A 24 -24.51 1.77 13.20
CA ASN A 24 -23.22 1.22 13.61
C ASN A 24 -22.90 1.50 15.08
N HIS A 25 -23.40 2.60 15.62
CA HIS A 25 -23.26 2.83 17.06
C HIS A 25 -24.13 1.85 17.84
N ASN A 26 -25.36 1.64 17.37
CA ASN A 26 -26.29 0.75 18.04
C ASN A 26 -25.85 -0.72 17.92
N ALA A 27 -25.14 -1.07 16.85
CA ALA A 27 -24.68 -2.44 16.68
C ALA A 27 -23.46 -2.76 17.54
N LEU A 28 -22.57 -1.80 17.74
CA LEU A 28 -21.38 -2.04 18.56
C LEU A 28 -21.64 -1.88 20.05
N MET A 29 -22.69 -1.16 20.43
CA MET A 29 -23.01 -0.96 21.83
C MET A 29 -23.59 -2.24 22.45
N LYS A 30 -24.08 -3.16 21.63
CA LYS A 30 -24.63 -4.43 22.09
C LYS A 30 -23.78 -5.64 21.74
N GLY A 31 -22.79 -5.47 20.86
CA GLY A 31 -21.90 -6.56 20.46
C GLY A 31 -20.45 -6.40 20.84
N CYS A 32 -19.96 -5.17 20.95
CA CYS A 32 -18.55 -4.91 21.25
C CYS A 32 -18.34 -4.17 22.55
N GLY A 33 -18.86 -2.96 22.62
CA GLY A 33 -18.44 -1.97 23.61
C GLY A 33 -17.33 -1.13 23.03
N GLU A 34 -16.24 -1.77 22.64
CA GLU A 34 -15.09 -1.07 22.05
C GLU A 34 -15.35 -0.71 20.59
N PHE A 35 -14.96 0.51 20.21
CA PHE A 35 -15.23 1.06 18.90
C PHE A 35 -13.92 1.44 18.22
N ILE A 36 -13.42 0.53 17.38
CA ILE A 36 -12.13 0.68 16.72
C ILE A 36 -12.27 1.61 15.52
N VAL A 37 -11.53 2.72 15.54
CA VAL A 37 -11.63 3.73 14.50
C VAL A 37 -10.32 3.84 13.71
N ASN A 38 -9.24 4.16 14.40
CA ASN A 38 -8.00 4.55 13.76
C ASN A 38 -6.97 3.46 13.92
N LEU A 39 -6.26 3.14 12.84
CA LEU A 39 -5.22 2.11 12.90
C LEU A 39 -3.95 2.58 13.62
N ARG A 40 -3.83 3.89 13.87
CA ARG A 40 -2.76 4.40 14.73
C ARG A 40 -2.86 3.85 16.15
N THR A 41 -4.08 3.56 16.60
CA THR A 41 -4.28 2.99 17.92
C THR A 41 -3.81 1.54 18.01
N LEU A 42 -3.71 0.83 16.89
CA LEU A 42 -3.22 -0.55 16.94
C LEU A 42 -1.69 -0.67 16.93
N LEU A 43 -1.00 0.46 16.80
CA LEU A 43 0.45 0.47 16.97
C LEU A 43 0.87 0.77 18.40
N ARG A 44 -0.08 0.68 19.34
CA ARG A 44 0.20 0.89 20.75
C ARG A 44 0.04 -0.38 21.59
N THR A 45 -0.35 -1.49 20.97
CA THR A 45 -0.64 -2.73 21.69
C THR A 45 0.47 -3.73 21.43
N PHE A 46 1.01 -4.32 22.50
CA PHE A 46 2.17 -5.20 22.38
C PHE A 46 1.74 -6.59 21.95
N ARG A 47 1.86 -6.85 20.64
CA ARG A 47 1.66 -8.18 20.11
C ARG A 47 2.99 -8.91 20.03
N THR A 48 2.97 -10.18 20.41
CA THR A 48 4.19 -10.96 20.54
C THR A 48 4.72 -11.34 19.17
N ILE A 49 5.94 -10.92 18.87
CA ILE A 49 6.54 -11.17 17.57
C ILE A 49 7.25 -12.52 17.49
N THR A 50 7.72 -13.03 18.62
CA THR A 50 8.29 -14.37 18.65
C THR A 50 7.82 -15.11 19.89
N ASP A 51 7.96 -16.42 19.85
CA ASP A 51 7.58 -17.28 20.95
C ASP A 51 8.78 -17.85 21.68
N ASN A 52 9.97 -17.72 21.08
CA ASN A 52 11.18 -18.35 21.56
C ASN A 52 12.36 -17.69 20.88
N TRP A 53 13.31 -17.18 21.66
CA TRP A 53 14.50 -16.56 21.11
C TRP A 53 15.69 -16.93 21.99
N ILE A 54 16.32 -18.05 21.65
CA ILE A 54 17.34 -18.64 22.50
C ILE A 54 18.63 -17.86 22.31
N LEU A 55 18.92 -16.97 23.25
CA LEU A 55 20.08 -16.09 23.15
C LEU A 55 21.28 -16.74 23.83
N GLN A 56 22.41 -16.76 23.13
CA GLN A 56 23.64 -17.35 23.65
C GLN A 56 24.19 -16.49 24.77
N ALA A 57 24.76 -17.13 25.79
CA ALA A 57 25.17 -16.44 27.02
C ALA A 57 26.33 -15.49 26.79
N ASN A 58 26.25 -14.31 27.39
CA ASN A 58 27.28 -13.26 27.34
C ASN A 58 27.59 -12.80 25.92
N THR A 59 26.60 -12.19 25.28
CA THR A 59 26.77 -11.61 23.95
C THR A 59 25.87 -10.39 23.81
N LYS A 60 26.47 -9.25 23.47
CA LYS A 60 25.70 -8.04 23.18
C LYS A 60 24.98 -8.21 21.85
N THR A 61 23.69 -8.53 21.91
CA THR A 61 22.95 -8.88 20.72
C THR A 61 22.08 -7.71 20.28
N PRO A 62 22.25 -7.23 19.04
CA PRO A 62 21.28 -6.28 18.50
C PRO A 62 19.98 -6.98 18.14
N ILE A 63 18.87 -6.28 18.29
CA ILE A 63 17.57 -6.80 17.90
C ILE A 63 17.38 -6.90 16.40
N THR A 64 18.27 -6.29 15.62
CA THR A 64 18.22 -6.43 14.17
C THR A 64 18.62 -7.81 13.68
N ASP A 65 19.25 -8.61 14.55
CA ASP A 65 19.40 -10.04 14.29
C ASP A 65 18.08 -10.80 14.36
N LEU A 66 17.05 -10.17 14.90
CA LEU A 66 15.69 -10.70 14.88
C LEU A 66 14.71 -9.84 14.05
N THR A 67 15.00 -8.55 13.88
CA THR A 67 14.07 -7.64 13.22
C THR A 67 14.07 -7.83 11.70
N ASN A 68 15.23 -8.12 11.12
CA ASN A 68 15.31 -8.43 9.68
C ASN A 68 14.54 -9.71 9.34
N THR A 69 14.50 -10.65 10.28
CA THR A 69 13.73 -11.88 10.09
C THR A 69 12.22 -11.64 10.27
N THR A 70 11.86 -10.93 11.33
CA THR A 70 10.47 -10.80 11.75
C THR A 70 9.74 -9.58 11.21
N ASP A 71 10.38 -8.79 10.33
CA ASP A 71 9.63 -7.82 9.52
C ASP A 71 9.15 -8.40 8.21
N ALA A 72 9.58 -9.61 7.87
CA ALA A 72 9.10 -10.27 6.67
C ALA A 72 7.69 -10.85 6.87
N GLN A 73 7.46 -11.46 8.03
CA GLN A 73 6.28 -12.29 8.24
C GLN A 73 5.00 -11.51 8.40
N GLY A 74 5.08 -10.34 9.03
CA GLY A 74 3.88 -9.56 9.32
C GLY A 74 2.98 -10.21 10.35
N ARG A 75 3.58 -10.89 11.32
CA ARG A 75 2.84 -11.57 12.37
C ARG A 75 2.19 -10.56 13.34
N ASP A 76 2.95 -9.55 13.73
CA ASP A 76 2.44 -8.49 14.61
C ASP A 76 1.63 -7.46 13.84
N TYR A 77 1.40 -6.31 14.44
CA TYR A 77 0.77 -5.20 13.75
C TYR A 77 1.75 -4.20 13.17
N MET A 78 3.01 -4.21 13.61
CA MET A 78 4.00 -3.31 13.03
C MET A 78 4.45 -3.77 11.65
N SER A 79 4.68 -5.06 11.49
CA SER A 79 5.13 -5.59 10.21
C SER A 79 3.98 -5.98 9.28
N TYR A 80 2.75 -6.00 9.77
CA TYR A 80 1.61 -6.24 8.89
C TYR A 80 1.13 -4.94 8.26
N LEU A 81 1.30 -3.83 8.98
CA LEU A 81 1.11 -2.51 8.42
C LEU A 81 2.42 -1.91 7.89
N SER A 82 3.45 -2.72 7.77
CA SER A 82 4.65 -2.33 7.01
C SER A 82 4.43 -2.48 5.51
N TYR A 83 3.32 -3.09 5.11
CA TYR A 83 3.02 -3.29 3.70
C TYR A 83 2.05 -2.27 3.12
N LEU A 84 1.16 -1.73 3.94
CA LEU A 84 0.26 -0.66 3.52
C LEU A 84 0.88 0.74 3.54
N TYR A 85 2.12 0.88 3.99
CA TYR A 85 2.75 2.19 4.06
C TYR A 85 4.21 2.10 3.63
N ARG A 86 4.87 3.25 3.59
CA ARG A 86 6.25 3.33 3.14
C ARG A 86 7.20 3.96 4.15
N PHE A 87 6.76 5.00 4.85
CA PHE A 87 7.58 5.73 5.82
C PHE A 87 7.10 5.46 7.24
N TYR A 88 7.98 5.74 8.20
CA TYR A 88 7.59 5.69 9.61
C TYR A 88 8.45 6.62 10.44
N ARG A 89 7.88 7.10 11.53
CA ARG A 89 8.60 7.86 12.54
C ARG A 89 8.11 7.45 13.91
N GLY A 90 8.98 7.52 14.90
CA GLY A 90 8.63 7.13 16.26
C GLY A 90 9.40 5.92 16.74
N GLY A 91 9.57 5.85 18.05
CA GLY A 91 10.31 4.78 18.69
C GLY A 91 9.50 3.55 18.99
N ARG A 92 10.21 2.44 19.17
CA ARG A 92 9.59 1.13 19.32
C ARG A 92 9.75 0.63 20.75
N ARG A 93 8.65 0.58 21.48
CA ARG A 93 8.65 -0.04 22.82
C ARG A 93 8.83 -1.55 22.69
N TYR A 94 9.64 -2.10 23.57
CA TYR A 94 9.91 -3.53 23.63
C TYR A 94 9.64 -4.07 25.01
N LYS A 95 9.03 -5.25 25.09
CA LYS A 95 8.92 -5.98 26.34
C LYS A 95 9.45 -7.40 26.16
N PHE A 96 10.21 -7.85 27.17
CA PHE A 96 10.88 -9.13 27.15
C PHE A 96 10.40 -9.99 28.29
N PHE A 97 9.77 -11.11 27.96
CA PHE A 97 9.21 -12.03 28.94
C PHE A 97 10.14 -13.22 29.09
N ASN A 98 10.64 -13.43 30.31
CA ASN A 98 11.60 -14.48 30.56
C ASN A 98 10.93 -15.85 30.60
N THR A 99 11.53 -16.82 29.91
CA THR A 99 11.05 -18.21 29.90
C THR A 99 12.23 -19.18 30.06
N THR A 100 13.10 -18.92 31.01
CA THR A 100 14.34 -19.67 31.15
C THR A 100 14.24 -20.63 32.33
N PRO A 101 14.75 -21.87 32.18
CA PRO A 101 14.94 -22.71 33.37
C PRO A 101 16.12 -22.21 34.22
N LEU A 102 15.83 -21.24 35.09
CA LEU A 102 16.87 -20.54 35.86
C LEU A 102 17.62 -21.47 36.80
N LYS A 103 18.85 -21.07 37.12
CA LYS A 103 19.75 -21.87 37.95
C LYS A 103 20.22 -21.05 39.14
N GLN A 104 20.23 -21.67 40.30
CA GLN A 104 20.44 -20.95 41.55
C GLN A 104 21.90 -20.61 41.81
N SER A 105 22.83 -21.33 41.17
CA SER A 105 24.26 -21.07 41.30
C SER A 105 24.78 -19.87 40.48
N GLN A 106 23.87 -19.03 39.97
CA GLN A 106 24.24 -17.81 39.24
C GLN A 106 23.31 -16.68 39.69
N THR A 107 23.72 -15.44 39.42
CA THR A 107 22.87 -14.27 39.59
C THR A 107 22.58 -13.70 38.19
N CYS A 108 21.40 -14.05 37.70
CA CYS A 108 20.95 -13.65 36.38
C CYS A 108 20.51 -12.19 36.39
N TYR A 109 20.95 -11.44 35.38
CA TYR A 109 20.54 -10.05 35.18
C TYR A 109 20.51 -9.73 33.70
N ILE A 110 19.85 -8.63 33.36
CA ILE A 110 19.64 -8.22 31.98
C ILE A 110 20.01 -6.75 31.84
N ARG A 111 20.80 -6.44 30.82
CA ARG A 111 21.13 -5.06 30.46
C ARG A 111 20.40 -4.69 29.18
N SER A 112 20.52 -3.42 28.80
CA SER A 112 20.07 -2.92 27.50
C SER A 112 20.75 -1.58 27.24
N PHE A 113 20.90 -1.24 25.96
CA PHE A 113 21.71 -0.09 25.54
C PHE A 113 21.10 0.54 24.29
N LEU A 114 21.88 1.33 23.56
CA LEU A 114 21.50 1.82 22.24
C LEU A 114 22.61 1.53 21.22
N ILE A 115 22.21 1.13 20.01
CA ILE A 115 23.07 1.23 18.83
C ILE A 115 22.25 1.99 17.79
N PRO A 116 22.92 2.73 16.89
CA PRO A 116 22.23 3.09 15.65
C PRO A 116 21.96 1.86 14.77
N ARG A 117 21.04 2.01 13.83
CA ARG A 117 20.51 0.87 13.08
C ARG A 117 21.59 0.15 12.27
N ASN A 118 21.47 -1.18 12.23
CA ASN A 118 22.25 -2.04 11.33
C ASN A 118 23.77 -2.06 11.52
N TYR A 119 24.26 -1.53 12.63
CA TYR A 119 25.65 -1.80 13.01
C TYR A 119 25.77 -3.23 13.53
N SER A 120 26.99 -3.74 13.54
CA SER A 120 27.28 -5.07 14.07
C SER A 120 27.60 -4.99 15.57
N ALA A 121 28.12 -6.06 16.13
CA ALA A 121 28.26 -6.20 17.58
C ALA A 121 29.38 -5.35 18.16
N ASP A 122 30.59 -5.53 17.64
CA ASP A 122 31.78 -4.93 18.25
C ASP A 122 32.06 -3.47 17.86
N GLU A 123 31.38 -2.98 16.81
CA GLU A 123 31.68 -1.66 16.28
C GLU A 123 30.89 -0.52 16.94
N ILE A 124 30.44 -0.73 18.19
CA ILE A 124 29.79 0.32 18.97
C ILE A 124 30.29 0.22 20.41
N ASN A 125 30.17 1.31 21.14
CA ASN A 125 30.58 1.37 22.54
C ASN A 125 29.46 0.84 23.47
N VAL A 126 29.64 1.00 24.78
CA VAL A 126 28.62 0.58 25.72
C VAL A 126 28.11 1.64 26.68
N ASP A 127 28.89 2.68 27.01
CA ASP A 127 28.34 3.74 27.85
C ASP A 127 27.35 4.59 27.07
N GLY A 128 26.08 4.38 27.41
CA GLY A 128 24.97 5.15 26.89
C GLY A 128 23.83 5.10 27.90
N PRO A 129 22.66 5.65 27.54
CA PRO A 129 21.48 5.48 28.37
C PRO A 129 21.10 4.01 28.49
N SER A 130 21.08 3.50 29.71
CA SER A 130 20.93 2.08 29.92
C SER A 130 19.65 1.77 30.68
N HIS A 131 19.40 0.48 30.87
CA HIS A 131 18.36 -0.03 31.74
C HIS A 131 18.77 -1.41 32.20
N ILE A 132 18.35 -1.79 33.40
CA ILE A 132 18.73 -3.07 33.98
C ILE A 132 17.56 -3.66 34.76
N THR A 133 17.32 -4.96 34.59
CA THR A 133 16.35 -5.69 35.39
C THR A 133 16.99 -6.95 35.93
N TYR A 134 16.34 -7.54 36.93
CA TYR A 134 16.79 -8.80 37.53
C TYR A 134 15.65 -9.81 37.43
N PRO A 135 15.80 -10.83 36.55
CA PRO A 135 14.67 -11.73 36.30
C PRO A 135 14.26 -12.66 37.43
N VAL A 136 15.01 -12.70 38.52
CA VAL A 136 14.54 -13.41 39.71
C VAL A 136 13.40 -12.64 40.39
N ILE A 137 13.46 -11.32 40.34
CA ILE A 137 12.44 -10.48 40.97
C ILE A 137 11.53 -9.77 39.98
N ASN A 138 11.87 -9.77 38.70
CA ASN A 138 11.13 -9.03 37.70
C ASN A 138 11.34 -9.66 36.33
N PRO A 139 10.41 -10.52 35.90
CA PRO A 139 10.58 -11.21 34.62
C PRO A 139 10.40 -10.35 33.36
N VAL A 140 9.89 -9.12 33.49
CA VAL A 140 9.57 -8.29 32.34
C VAL A 140 10.59 -7.16 32.21
N HIS A 141 11.15 -6.99 31.02
CA HIS A 141 12.08 -5.91 30.74
C HIS A 141 11.37 -4.81 29.95
N GLU A 142 11.17 -3.67 30.59
CA GLU A 142 10.25 -2.64 30.11
C GLU A 142 11.02 -1.50 29.47
N VAL A 143 11.32 -1.63 28.18
CA VAL A 143 12.25 -0.71 27.53
C VAL A 143 11.59 -0.01 26.34
N GLU A 144 11.87 1.28 26.22
CA GLU A 144 11.39 2.08 25.11
C GLU A 144 12.57 2.77 24.45
N VAL A 145 12.73 2.53 23.14
CA VAL A 145 13.75 3.19 22.35
C VAL A 145 13.16 4.52 21.88
N PRO A 146 13.89 5.63 22.03
CA PRO A 146 13.36 6.89 21.51
C PRO A 146 13.55 7.05 20.01
N PHE A 147 13.27 8.23 19.50
CA PHE A 147 13.43 8.50 18.07
C PHE A 147 14.52 9.55 17.88
N TYR A 148 15.76 9.07 17.82
CA TYR A 148 16.91 9.93 17.63
C TYR A 148 17.45 9.73 16.23
N SER A 149 16.94 10.53 15.29
CA SER A 149 17.25 10.38 13.88
C SER A 149 17.88 11.62 13.29
N GLN A 150 18.62 11.42 12.20
CA GLN A 150 19.09 12.51 11.38
C GLN A 150 17.98 13.04 10.48
N TYR A 151 17.12 12.15 9.99
CA TYR A 151 16.06 12.51 9.06
C TYR A 151 14.73 12.54 9.78
N ARG A 152 13.81 13.34 9.23
CA ARG A 152 12.47 13.48 9.80
C ARG A 152 11.58 12.26 9.64
N LYS A 153 11.92 11.37 8.72
CA LYS A 153 11.16 10.15 8.49
C LYS A 153 12.08 9.12 7.82
N ILE A 154 11.71 7.85 7.90
CA ILE A 154 12.57 6.77 7.45
C ILE A 154 11.81 5.83 6.53
N PRO A 155 12.34 5.57 5.32
CA PRO A 155 11.74 4.54 4.48
C PRO A 155 12.23 3.15 4.87
N ILE A 156 11.45 2.16 4.48
CA ILE A 156 11.71 0.79 4.91
C ILE A 156 12.77 0.17 4.00
N ALA A 157 13.80 -0.43 4.63
CA ALA A 157 14.88 -1.14 3.94
C ALA A 157 15.64 -0.25 2.95
N SER A 158 16.33 0.74 3.51
CA SER A 158 16.95 1.81 2.72
C SER A 158 18.24 1.35 2.04
N THR A 159 18.96 2.33 1.47
CA THR A 159 20.18 2.09 0.71
C THR A 159 21.40 1.89 1.61
N SER A 160 22.59 1.98 1.02
CA SER A 160 23.87 1.74 1.70
C SER A 160 24.25 2.72 2.81
N ASP A 161 23.44 3.75 3.06
CA ASP A 161 23.57 4.55 4.27
C ASP A 161 23.11 3.70 5.47
N LYS A 162 23.74 3.95 6.61
CA LYS A 162 23.41 3.22 7.84
C LYS A 162 23.76 4.07 9.03
N GLY A 163 23.15 3.75 10.16
CA GLY A 163 23.35 4.50 11.40
C GLY A 163 22.72 5.87 11.36
N TYR A 164 21.44 5.90 10.99
CA TYR A 164 20.70 7.15 10.78
C TYR A 164 19.50 7.33 11.73
N ASP A 165 19.19 6.30 12.51
CA ASP A 165 18.40 6.45 13.75
C ASP A 165 18.77 5.30 14.69
N SER A 166 18.28 5.37 15.92
CA SER A 166 18.76 4.51 16.99
C SER A 166 17.80 3.34 17.27
N SER A 167 18.38 2.25 17.75
CA SER A 167 17.61 1.08 18.14
C SER A 167 18.31 0.40 19.32
N LEU A 168 17.92 -0.84 19.62
CA LEU A 168 18.25 -1.47 20.89
C LEU A 168 19.44 -2.42 20.75
N MET A 169 20.22 -2.52 21.82
CA MET A 169 21.17 -3.62 22.00
C MET A 169 20.82 -4.34 23.29
N TYR A 170 20.85 -5.67 23.22
CA TYR A 170 20.35 -6.51 24.29
C TYR A 170 21.46 -7.40 24.86
N PHE A 171 21.87 -7.10 26.08
CA PHE A 171 22.94 -7.85 26.74
C PHE A 171 22.43 -8.57 27.98
N SER A 172 22.83 -9.83 28.11
CA SER A 172 22.49 -10.67 29.25
C SER A 172 23.76 -11.26 29.84
N ASN A 173 23.61 -12.24 30.73
CA ASN A 173 24.75 -13.02 31.20
C ASN A 173 24.62 -14.53 30.97
N THR A 174 23.41 -15.05 31.06
CA THR A 174 23.15 -16.48 30.90
C THR A 174 22.30 -16.74 29.68
N ALA A 175 22.22 -18.00 29.27
CA ALA A 175 21.55 -18.39 28.03
C ALA A 175 20.03 -18.34 28.19
N THR A 176 19.49 -17.13 28.20
CA THR A 176 18.09 -16.91 28.48
C THR A 176 17.26 -16.96 27.21
N THR A 177 16.35 -17.92 27.13
CA THR A 177 15.35 -17.95 26.07
C THR A 177 14.12 -17.16 26.54
N GLN A 178 13.55 -16.36 25.65
CA GLN A 178 12.54 -15.37 26.03
C GLN A 178 11.39 -15.31 25.05
N ILE A 179 10.45 -14.43 25.39
CA ILE A 179 9.40 -13.98 24.48
C ILE A 179 9.65 -12.49 24.25
N VAL A 180 9.48 -12.06 23.01
CA VAL A 180 9.69 -10.66 22.64
C VAL A 180 8.37 -10.13 22.08
N ALA A 181 7.91 -9.02 22.63
CA ALA A 181 6.72 -8.34 22.13
C ALA A 181 7.03 -6.87 21.90
N ARG A 182 6.28 -6.24 21.01
CA ARG A 182 6.57 -4.86 20.64
C ARG A 182 5.36 -4.11 20.12
N ALA A 183 5.47 -2.79 20.17
CA ALA A 183 4.64 -1.85 19.42
C ALA A 183 5.35 -0.51 19.48
N GLY A 184 4.89 0.43 18.66
CA GLY A 184 5.47 1.77 18.64
C GLY A 184 5.15 2.55 19.89
N ASN A 185 5.87 3.65 20.09
CA ASN A 185 5.67 4.48 21.27
C ASN A 185 4.47 5.41 21.09
N ASP A 186 4.34 6.39 21.98
CA ASP A 186 3.21 7.32 21.96
C ASP A 186 3.08 8.13 20.67
N ASP A 187 4.21 8.41 20.02
CA ASP A 187 4.21 9.21 18.80
C ASP A 187 4.74 8.43 17.61
N PHE A 188 4.39 7.15 17.54
CA PHE A 188 4.77 6.31 16.40
C PHE A 188 3.63 6.26 15.40
N THR A 189 3.91 6.61 14.16
CA THR A 189 2.89 6.63 13.14
C THR A 189 3.50 6.43 11.77
N PHE A 190 2.75 5.76 10.90
CA PHE A 190 3.16 5.57 9.52
C PHE A 190 2.69 6.75 8.68
N GLY A 191 2.84 6.63 7.37
CA GLY A 191 2.27 7.59 6.45
C GLY A 191 2.52 7.13 5.04
N TRP A 192 2.07 7.98 4.10
CA TRP A 192 2.29 7.78 2.67
C TRP A 192 1.75 6.44 2.18
N MET A 193 0.42 6.36 2.14
CA MET A 193 -0.29 5.13 1.81
C MET A 193 0.00 4.65 0.38
N ILE A 194 0.20 3.35 0.25
CA ILE A 194 0.18 2.68 -1.04
C ILE A 194 -0.87 1.56 -0.97
N GLY A 195 -0.97 0.80 -2.05
CA GLY A 195 -1.79 -0.41 -2.11
C GLY A 195 -1.12 -1.60 -1.44
N PRO A 196 -1.91 -2.60 -1.03
CA PRO A 196 -1.35 -3.70 -0.25
C PRO A 196 -0.83 -4.86 -1.12
N PRO A 197 0.26 -5.51 -0.68
CA PRO A 197 0.66 -6.78 -1.26
C PRO A 197 -0.23 -7.97 -0.88
N GLN A 198 0.19 -9.15 -1.32
CA GLN A 198 -0.64 -10.36 -1.25
C GLN A 198 -0.72 -10.93 0.16
N LEU A 199 -1.45 -12.04 0.30
CA LEU A 199 -1.55 -12.79 1.54
C LEU A 199 -1.26 -14.26 1.29
N GLN A 200 -0.96 -14.97 2.37
CA GLN A 200 -0.66 -16.39 2.29
C GLN A 200 -1.63 -17.17 3.16
N GLY A 201 -2.19 -18.24 2.60
CA GLY A 201 -3.21 -19.03 3.27
C GLY A 201 -2.63 -20.26 3.93
N GLU A 202 -3.40 -21.34 3.91
CA GLU A 202 -3.04 -22.57 4.60
C GLU A 202 -2.18 -23.44 3.69
N SER A 203 -1.29 -24.22 4.30
CA SER A 203 -0.29 -25.01 3.58
C SER A 203 -0.36 -26.47 3.97
N ARG A 204 -1.54 -27.07 3.81
CA ARG A 204 -1.78 -28.44 4.28
C ARG A 204 -0.95 -29.52 3.58
N SER A 205 -0.51 -29.25 2.35
CA SER A 205 0.45 -30.10 1.62
C SER A 205 -0.03 -31.53 1.41
N VAL A 206 -1.10 -31.65 0.65
CA VAL A 206 -1.64 -32.97 0.27
C VAL A 206 -0.66 -33.66 -0.69
N ALA A 207 -0.63 -34.99 -0.63
CA ALA A 207 0.39 -35.77 -1.33
C ALA A 207 0.29 -35.74 -2.88
N PRO A 208 -0.90 -35.99 -3.48
CA PRO A 208 -0.86 -35.86 -4.94
C PRO A 208 -0.99 -34.41 -5.42
N SER B 1 9.07 15.50 65.88
CA SER B 1 9.50 15.85 64.50
C SER B 1 9.62 14.64 63.59
N LYS B 2 9.71 13.44 64.18
CA LYS B 2 9.74 12.18 63.45
C LYS B 2 8.60 11.30 63.97
N PRO B 3 7.34 11.62 63.59
CA PRO B 3 6.21 10.88 64.15
C PRO B 3 6.07 9.46 63.61
N ARG B 4 5.04 8.75 64.07
CA ARG B 4 4.85 7.36 63.66
C ARG B 4 3.96 7.29 62.43
N ASN B 5 3.92 6.11 61.82
CA ASN B 5 3.24 5.95 60.55
C ASN B 5 1.73 5.86 60.76
N GLN B 6 1.00 6.70 60.03
CA GLN B 6 -0.45 6.78 60.13
C GLN B 6 -1.23 6.12 58.98
N GLN B 7 -0.55 5.80 57.87
CA GLN B 7 -1.19 5.21 56.69
C GLN B 7 -1.49 3.73 56.94
N GLN B 8 -2.56 3.24 56.34
CA GLN B 8 -2.94 1.84 56.42
C GLN B 8 -1.99 0.97 55.59
N VAL B 9 -2.19 -0.34 55.70
CA VAL B 9 -1.39 -1.30 54.96
C VAL B 9 -1.93 -1.38 53.54
N CYS B 10 -1.13 -0.92 52.58
CA CYS B 10 -1.52 -0.98 51.17
C CYS B 10 -1.44 -2.43 50.68
N PRO B 11 -2.58 -3.01 50.23
CA PRO B 11 -2.55 -4.38 49.71
C PRO B 11 -1.78 -4.47 48.39
N LEU B 12 -1.50 -5.68 47.94
CA LEU B 12 -0.49 -5.87 46.91
C LEU B 12 -0.79 -7.07 46.04
N GLN B 13 -0.54 -6.93 44.74
CA GLN B 13 -0.43 -8.07 43.84
C GLN B 13 0.73 -7.84 42.90
N ASN B 14 1.57 -8.86 42.71
CA ASN B 14 2.77 -8.75 41.90
C ASN B 14 2.44 -9.11 40.45
N VAL B 15 2.01 -8.13 39.68
CA VAL B 15 1.74 -8.33 38.26
C VAL B 15 2.60 -7.41 37.40
N PRO B 16 3.76 -7.89 36.94
CA PRO B 16 4.53 -7.09 35.99
C PRO B 16 3.83 -7.02 34.63
N ALA B 17 3.76 -5.82 34.07
CA ALA B 17 3.06 -5.53 32.81
C ALA B 17 1.59 -5.96 32.86
N TRP B 18 0.84 -5.34 33.77
CA TRP B 18 -0.58 -5.63 33.91
C TRP B 18 -1.35 -5.02 32.76
N GLY B 19 -1.92 -5.87 31.91
CA GLY B 19 -2.74 -5.39 30.80
C GLY B 19 -1.92 -4.63 29.76
N TYR B 20 -1.05 -5.37 29.08
CA TYR B 20 -0.15 -4.76 28.09
C TYR B 20 -0.78 -4.65 26.71
N SER B 21 -1.87 -5.38 26.46
CA SER B 21 -2.47 -5.44 25.12
C SER B 21 -3.60 -4.42 24.93
N LEU B 22 -3.49 -3.26 25.55
CA LEU B 22 -4.51 -2.22 25.49
C LEU B 22 -3.87 -0.92 25.03
N TYR B 23 -4.56 -0.17 24.19
CA TYR B 23 -3.98 1.03 23.60
C TYR B 23 -4.06 2.27 24.53
N LYS B 24 -4.55 2.09 25.76
CA LYS B 24 -4.82 3.17 26.68
C LYS B 24 -4.39 2.72 28.05
N GLY B 25 -3.94 3.67 28.86
CA GLY B 25 -3.35 3.36 30.16
C GLY B 25 -1.85 3.59 30.13
N ILE B 26 -1.34 4.11 31.23
CA ILE B 26 0.06 4.49 31.32
C ILE B 26 0.90 3.23 31.45
N ASP B 27 1.88 3.09 30.56
CA ASP B 27 2.74 1.91 30.51
C ASP B 27 4.12 2.20 31.08
N MET B 28 4.69 1.20 31.76
CA MET B 28 5.94 1.28 32.49
C MET B 28 7.21 1.07 31.66
N SER B 29 7.17 1.31 30.35
CA SER B 29 8.36 1.13 29.53
C SER B 29 9.33 2.27 29.79
N VAL B 30 10.57 1.93 30.10
CA VAL B 30 11.58 2.92 30.45
C VAL B 30 12.13 3.52 29.17
N PRO B 31 12.08 4.85 29.03
CA PRO B 31 12.74 5.44 27.87
C PRO B 31 14.24 5.51 28.07
N LEU B 32 14.98 5.18 27.02
CA LEU B 32 16.44 5.24 27.03
C LEU B 32 16.87 6.57 26.42
N ALA B 33 16.61 7.62 27.16
CA ALA B 33 16.76 8.97 26.67
C ALA B 33 17.35 9.85 27.76
N TYR B 34 17.51 11.13 27.43
CA TYR B 34 17.97 12.15 28.36
C TYR B 34 16.82 12.80 29.15
N ASP B 35 15.64 12.95 28.55
CA ASP B 35 14.55 13.70 29.15
C ASP B 35 13.35 12.78 29.36
N PRO B 36 12.74 12.76 30.56
CA PRO B 36 11.48 12.02 30.73
C PRO B 36 10.31 12.58 29.92
N ASN B 37 10.29 13.89 29.69
CA ASN B 37 9.25 14.53 28.88
C ASN B 37 9.65 14.53 27.41
N ASN B 38 9.92 13.34 26.88
CA ASN B 38 10.39 13.21 25.50
C ASN B 38 9.19 13.33 24.59
N GLU B 39 9.07 14.48 23.94
CA GLU B 39 7.90 14.80 23.12
C GLU B 39 8.33 15.06 21.69
N LEU B 40 8.00 14.14 20.79
CA LEU B 40 8.08 14.42 19.36
C LEU B 40 7.02 15.45 19.00
N GLY B 41 7.22 16.11 17.86
CA GLY B 41 6.29 17.12 17.40
C GLY B 41 4.99 16.54 16.88
N ASP B 42 4.17 17.40 16.31
CA ASP B 42 2.93 16.97 15.67
C ASP B 42 3.23 16.45 14.25
N LEU B 43 2.20 16.24 13.44
CA LEU B 43 2.37 15.72 12.08
C LEU B 43 2.56 16.78 11.01
N LYS B 44 3.11 17.94 11.39
CA LYS B 44 3.28 19.05 10.46
C LYS B 44 4.59 18.88 9.68
N ASP B 45 4.51 19.10 8.37
CA ASP B 45 5.66 19.08 7.45
C ASP B 45 6.44 17.77 7.37
N VAL B 46 5.86 16.66 7.81
CA VAL B 46 6.58 15.39 7.77
C VAL B 46 6.08 14.55 6.61
N PHE B 47 4.83 14.14 6.69
CA PHE B 47 4.29 13.39 5.58
C PHE B 47 3.65 14.39 4.62
N PRO B 48 3.96 14.29 3.33
CA PRO B 48 3.51 15.31 2.37
C PRO B 48 2.00 15.35 2.05
N SER B 49 1.17 14.60 2.79
CA SER B 49 -0.27 14.80 2.76
C SER B 49 -0.74 15.53 4.01
N ALA B 50 -1.97 16.03 3.93
CA ALA B 50 -2.68 16.56 5.10
C ALA B 50 -3.87 15.69 5.50
N VAL B 51 -4.11 14.61 4.75
CA VAL B 51 -5.18 13.68 5.07
C VAL B 51 -4.67 12.74 6.17
N ASP B 52 -5.50 12.48 7.17
CA ASP B 52 -5.15 11.53 8.22
C ASP B 52 -5.15 10.13 7.60
N GLU B 53 -3.96 9.60 7.36
CA GLU B 53 -3.77 8.46 6.48
C GLU B 53 -3.87 7.09 7.14
N MET B 54 -4.42 7.00 8.34
CA MET B 54 -4.55 5.72 9.01
C MET B 54 -5.95 5.34 9.49
N ALA B 55 -6.92 6.24 9.38
CA ALA B 55 -8.29 5.93 9.79
C ALA B 55 -8.90 4.92 8.83
N ILE B 56 -9.70 4.01 9.37
CA ILE B 56 -10.25 2.90 8.59
C ILE B 56 -11.26 3.43 7.55
N GLY B 57 -11.85 4.60 7.85
CA GLY B 57 -12.63 5.34 6.86
C GLY B 57 -11.84 5.76 5.63
N TYR B 58 -10.52 5.86 5.75
CA TYR B 58 -9.65 6.19 4.62
C TYR B 58 -8.86 5.01 4.09
N VAL B 59 -8.46 4.07 4.95
CA VAL B 59 -7.69 2.92 4.49
C VAL B 59 -8.55 1.99 3.65
N CYS B 60 -9.74 1.68 4.14
CA CYS B 60 -10.69 0.85 3.40
C CYS B 60 -11.45 1.62 2.33
N GLY B 61 -11.31 2.95 2.30
CA GLY B 61 -11.90 3.77 1.24
C GLY B 61 -10.97 3.94 0.06
N ASN B 62 -10.23 2.88 -0.28
CA ASN B 62 -9.21 2.92 -1.30
C ASN B 62 -9.63 1.95 -2.42
N PRO B 63 -9.91 2.46 -3.62
CA PRO B 63 -10.47 1.59 -4.66
C PRO B 63 -9.45 0.65 -5.29
N ALA B 64 -9.85 -0.62 -5.48
CA ALA B 64 -9.01 -1.62 -6.10
C ALA B 64 -9.78 -2.44 -7.11
N VAL B 65 -9.13 -2.76 -8.21
CA VAL B 65 -9.72 -3.61 -9.24
C VAL B 65 -9.74 -5.06 -8.74
N LYS B 66 -10.89 -5.71 -8.84
CA LYS B 66 -11.00 -7.12 -8.53
C LYS B 66 -11.08 -8.00 -9.77
N HIS B 67 -12.02 -7.69 -10.66
CA HIS B 67 -12.25 -8.53 -11.84
C HIS B 67 -12.12 -7.76 -13.12
N VAL B 68 -11.64 -8.43 -14.16
CA VAL B 68 -11.63 -7.90 -15.51
C VAL B 68 -12.37 -8.91 -16.37
N LEU B 69 -13.54 -8.51 -16.88
CA LEU B 69 -14.42 -9.42 -17.59
C LEU B 69 -14.31 -9.26 -19.09
N THR B 70 -14.60 -10.33 -19.82
CA THR B 70 -14.63 -10.29 -21.28
C THR B 70 -16.03 -10.71 -21.70
N TRP B 71 -16.81 -9.73 -22.17
CA TRP B 71 -18.20 -9.96 -22.54
C TRP B 71 -18.32 -10.01 -24.06
N LYS B 72 -18.72 -11.18 -24.56
CA LYS B 72 -18.64 -11.53 -25.97
C LYS B 72 -20.03 -11.65 -26.59
N THR B 73 -20.06 -11.66 -27.91
CA THR B 73 -21.29 -11.95 -28.64
C THR B 73 -21.63 -13.44 -28.59
N THR B 74 -20.63 -14.28 -28.36
CA THR B 74 -20.83 -15.71 -28.18
C THR B 74 -21.65 -16.00 -26.91
N ASP B 75 -21.40 -15.23 -25.86
CA ASP B 75 -22.09 -15.41 -24.59
C ASP B 75 -23.58 -15.09 -24.71
N ALA B 76 -24.39 -15.92 -24.07
CA ALA B 76 -25.85 -15.81 -24.13
C ALA B 76 -26.38 -14.68 -23.24
N ILE B 77 -27.70 -14.53 -23.22
CA ILE B 77 -28.36 -13.54 -22.38
C ILE B 77 -28.99 -14.22 -21.18
N GLN B 78 -29.29 -13.42 -20.16
CA GLN B 78 -29.93 -13.88 -18.92
C GLN B 78 -29.13 -15.00 -18.24
N LYS B 79 -27.81 -14.85 -18.28
CA LYS B 79 -26.86 -15.83 -17.78
C LYS B 79 -25.57 -15.09 -17.47
N PRO B 80 -24.99 -15.27 -16.27
CA PRO B 80 -23.79 -14.52 -15.94
C PRO B 80 -22.57 -14.99 -16.74
N ILE B 81 -21.55 -14.14 -16.76
CA ILE B 81 -20.36 -14.39 -17.56
C ILE B 81 -19.54 -15.48 -16.89
N ALA B 82 -19.57 -16.69 -17.47
CA ALA B 82 -18.76 -17.82 -17.03
C ALA B 82 -17.54 -17.91 -17.92
N ASN B 83 -16.38 -17.56 -17.36
CA ASN B 83 -15.19 -17.33 -18.16
C ASN B 83 -13.97 -18.14 -17.73
N GLY B 84 -14.12 -18.99 -16.70
CA GLY B 84 -12.97 -19.57 -16.02
C GLY B 84 -12.20 -18.55 -15.21
N ASP B 85 -12.89 -17.47 -14.82
CA ASP B 85 -12.32 -16.46 -13.93
C ASP B 85 -11.85 -16.96 -12.55
N ASP B 86 -12.64 -17.67 -11.73
CA ASP B 86 -13.92 -18.35 -12.04
C ASP B 86 -15.16 -17.64 -11.48
N TRP B 87 -14.94 -16.65 -10.61
CA TRP B 87 -16.05 -15.92 -10.01
C TRP B 87 -16.70 -15.00 -11.04
N GLY B 88 -15.98 -13.95 -11.41
CA GLY B 88 -16.25 -13.21 -12.63
C GLY B 88 -17.56 -12.45 -12.68
N GLY B 89 -18.64 -13.19 -12.90
CA GLY B 89 -19.99 -12.63 -13.03
C GLY B 89 -20.74 -12.64 -11.73
N VAL B 90 -20.24 -13.43 -10.76
CA VAL B 90 -20.83 -13.51 -9.45
C VAL B 90 -19.82 -12.96 -8.47
N ILE B 91 -19.93 -11.67 -8.17
CA ILE B 91 -19.07 -11.01 -7.20
C ILE B 91 -19.75 -11.06 -5.84
N PRO B 92 -19.16 -11.77 -4.86
CA PRO B 92 -19.75 -11.78 -3.53
C PRO B 92 -19.57 -10.44 -2.83
N VAL B 93 -20.69 -9.84 -2.45
CA VAL B 93 -20.68 -8.65 -1.62
C VAL B 93 -20.11 -9.05 -0.27
N GLY B 94 -19.25 -8.20 0.28
CA GLY B 94 -18.62 -8.50 1.55
C GLY B 94 -17.18 -8.04 1.55
N MET B 95 -16.69 -7.74 2.74
CA MET B 95 -15.37 -7.14 2.88
C MET B 95 -14.17 -8.10 2.80
N PRO B 96 -14.20 -9.30 3.46
CA PRO B 96 -13.00 -10.16 3.32
C PRO B 96 -12.87 -10.83 1.96
N CYS B 97 -11.75 -11.53 1.78
CA CYS B 97 -11.38 -12.14 0.50
C CYS B 97 -12.33 -13.26 0.09
N TYR B 98 -12.39 -13.51 -1.20
CA TYR B 98 -13.18 -14.61 -1.74
C TYR B 98 -12.47 -15.46 -2.78
N SER B 99 -11.26 -15.08 -3.19
CA SER B 99 -10.54 -15.77 -4.25
C SER B 99 -9.19 -16.25 -3.75
N LYS B 100 -8.64 -17.22 -4.47
CA LYS B 100 -7.38 -17.82 -4.11
C LYS B 100 -6.76 -18.47 -5.33
N SER B 101 -5.43 -18.49 -5.36
CA SER B 101 -4.69 -19.26 -6.35
C SER B 101 -3.77 -20.20 -5.60
N ILE B 102 -3.55 -21.37 -6.18
CA ILE B 102 -2.86 -22.44 -5.49
C ILE B 102 -1.53 -22.67 -6.17
N ARG B 103 -0.47 -22.67 -5.35
CA ARG B 103 0.90 -22.87 -5.81
C ARG B 103 1.32 -24.29 -5.48
N THR B 104 1.65 -25.06 -6.51
CA THR B 104 1.99 -26.47 -6.37
C THR B 104 3.46 -26.69 -6.70
N THR B 105 4.25 -26.95 -5.66
CA THR B 105 5.67 -27.30 -5.81
C THR B 105 5.84 -28.80 -5.57
N ARG B 106 7.09 -29.25 -5.52
CA ARG B 106 7.40 -30.65 -5.26
C ARG B 106 8.36 -30.78 -4.07
N ILE B 107 8.18 -31.85 -3.31
CA ILE B 107 9.04 -32.14 -2.16
C ILE B 107 9.74 -33.48 -2.37
N SER B 108 8.95 -34.52 -2.60
CA SER B 108 9.47 -35.84 -2.92
C SER B 108 8.83 -36.32 -4.23
N ALA B 109 9.03 -37.59 -4.55
CA ALA B 109 8.47 -38.17 -5.77
C ALA B 109 6.95 -38.33 -5.74
N THR B 110 6.35 -38.30 -4.55
CA THR B 110 4.91 -38.50 -4.42
C THR B 110 4.23 -37.55 -3.42
N GLU B 111 4.91 -36.49 -3.01
CA GLU B 111 4.37 -35.52 -2.06
C GLU B 111 4.58 -34.11 -2.60
N ASN B 112 3.54 -33.28 -2.46
CA ASN B 112 3.59 -31.89 -2.92
C ASN B 112 3.10 -30.97 -1.82
N ARG B 113 3.25 -29.67 -2.05
CA ARG B 113 2.77 -28.65 -1.12
C ARG B 113 1.92 -27.64 -1.88
N GLU B 114 0.67 -27.50 -1.43
CA GLU B 114 -0.29 -26.60 -2.07
C GLU B 114 -0.53 -25.40 -1.16
N THR B 115 0.12 -24.28 -1.46
CA THR B 115 0.03 -23.08 -0.66
C THR B 115 -1.00 -22.14 -1.26
N GLU B 116 -1.96 -21.74 -0.45
CA GLU B 116 -3.01 -20.85 -0.90
C GLU B 116 -2.47 -19.43 -0.95
N VAL B 117 -2.54 -18.80 -2.12
CA VAL B 117 -2.13 -17.41 -2.29
C VAL B 117 -3.37 -16.60 -2.64
N MET B 118 -3.65 -15.58 -1.85
CA MET B 118 -4.83 -14.76 -2.03
C MET B 118 -4.44 -13.39 -2.56
N ASP B 119 -5.34 -12.79 -3.33
CA ASP B 119 -5.22 -11.38 -3.67
C ASP B 119 -5.72 -10.57 -2.48
N ALA B 120 -5.38 -9.30 -2.47
CA ALA B 120 -5.72 -8.43 -1.35
C ALA B 120 -6.09 -7.04 -1.82
N ALA B 121 -7.38 -6.75 -1.82
CA ALA B 121 -7.85 -5.38 -1.86
C ALA B 121 -7.51 -4.73 -0.51
N PRO B 122 -7.34 -3.40 -0.48
CA PRO B 122 -7.11 -2.74 0.82
C PRO B 122 -8.29 -2.83 1.79
N CYS B 123 -9.51 -3.02 1.28
CA CYS B 123 -10.62 -3.36 2.17
C CYS B 123 -10.47 -4.79 2.70
N GLU B 124 -9.95 -5.68 1.86
CA GLU B 124 -9.71 -7.06 2.26
C GLU B 124 -8.54 -7.19 3.23
N TYR B 125 -7.51 -6.36 3.02
CA TYR B 125 -6.25 -6.52 3.73
C TYR B 125 -6.35 -6.08 5.19
N VAL B 126 -7.21 -5.12 5.47
CA VAL B 126 -7.49 -4.72 6.84
C VAL B 126 -8.32 -5.79 7.54
N ALA B 127 -9.29 -6.36 6.84
CA ALA B 127 -10.21 -7.33 7.45
C ALA B 127 -9.56 -8.64 7.86
N ASN B 128 -8.37 -8.95 7.34
CA ASN B 128 -7.67 -10.15 7.77
C ASN B 128 -7.18 -10.02 9.21
N MET B 129 -6.87 -8.80 9.64
CA MET B 129 -6.47 -8.53 11.02
C MET B 129 -7.60 -8.83 12.00
N PHE B 130 -8.80 -8.37 11.67
CA PHE B 130 -9.93 -8.42 12.59
C PHE B 130 -10.78 -9.67 12.38
N SER B 131 -11.60 -10.00 13.37
CA SER B 131 -12.35 -11.24 13.34
C SER B 131 -13.76 -11.08 12.76
N TYR B 132 -14.52 -10.14 13.29
CA TYR B 132 -15.92 -9.94 12.86
C TYR B 132 -16.06 -8.55 12.27
N TRP B 133 -16.80 -8.43 11.18
CA TRP B 133 -16.89 -7.17 10.45
C TRP B 133 -18.33 -6.73 10.24
N ARG B 134 -18.48 -5.47 9.84
CA ARG B 134 -19.76 -4.88 9.45
C ARG B 134 -19.46 -3.64 8.65
N ALA B 135 -19.84 -3.62 7.37
CA ALA B 135 -19.43 -2.53 6.49
C ALA B 135 -20.40 -2.36 5.34
N THR B 136 -20.59 -1.10 4.95
CA THR B 136 -21.39 -0.78 3.78
C THR B 136 -20.51 -0.83 2.55
N MET B 137 -20.72 -1.84 1.72
CA MET B 137 -19.85 -2.09 0.58
C MET B 137 -20.11 -1.12 -0.56
N CYS B 138 -19.15 -1.07 -1.49
CA CYS B 138 -19.28 -0.26 -2.71
C CYS B 138 -18.64 -0.99 -3.86
N TYR B 139 -19.13 -0.72 -5.06
CA TYR B 139 -18.61 -1.31 -6.29
C TYR B 139 -18.82 -0.32 -7.40
N ARG B 140 -17.80 -0.09 -8.22
CA ARG B 140 -17.89 0.83 -9.34
C ARG B 140 -17.62 0.07 -10.63
N ILE B 141 -18.68 -0.41 -11.25
CA ILE B 141 -18.59 -1.22 -12.46
C ILE B 141 -18.47 -0.30 -13.67
N THR B 142 -17.40 -0.48 -14.44
CA THR B 142 -17.12 0.36 -15.60
C THR B 142 -17.01 -0.51 -16.84
N VAL B 143 -17.71 -0.13 -17.90
CA VAL B 143 -17.61 -0.80 -19.18
C VAL B 143 -16.51 -0.12 -19.99
N VAL B 144 -15.57 -0.91 -20.50
CA VAL B 144 -14.56 -0.41 -21.42
C VAL B 144 -15.06 -0.72 -22.83
N LYS B 145 -15.74 0.25 -23.42
CA LYS B 145 -16.34 0.10 -24.73
C LYS B 145 -15.81 1.14 -25.68
N THR B 146 -16.13 0.97 -26.95
CA THR B 146 -15.81 1.93 -27.98
C THR B 146 -16.93 2.98 -28.05
N ALA B 147 -16.95 3.77 -29.12
CA ALA B 147 -18.07 4.66 -29.37
C ALA B 147 -19.28 3.95 -29.97
N PHE B 148 -19.11 2.70 -30.41
CA PHE B 148 -20.12 2.01 -31.21
C PHE B 148 -20.81 0.82 -30.53
N HIS B 149 -20.24 0.31 -29.44
CA HIS B 149 -20.88 -0.77 -28.71
C HIS B 149 -22.06 -0.25 -27.92
N THR B 150 -23.20 -0.94 -28.02
CA THR B 150 -24.40 -0.63 -27.25
C THR B 150 -24.85 -1.88 -26.50
N GLY B 151 -25.98 -1.79 -25.81
CA GLY B 151 -26.57 -2.92 -25.10
C GLY B 151 -27.16 -2.51 -23.77
N ARG B 152 -27.73 -3.49 -23.06
CA ARG B 152 -28.29 -3.26 -21.73
C ARG B 152 -27.72 -4.32 -20.82
N LEU B 153 -27.18 -3.88 -19.67
CA LEU B 153 -26.52 -4.78 -18.74
C LEU B 153 -27.15 -4.67 -17.36
N GLU B 154 -27.41 -5.82 -16.75
CA GLU B 154 -28.12 -5.87 -15.48
C GLU B 154 -27.22 -6.34 -14.35
N ILE B 155 -27.24 -5.61 -13.24
CA ILE B 155 -26.58 -6.01 -12.01
C ILE B 155 -27.64 -6.09 -10.93
N PHE B 156 -27.82 -7.27 -10.36
CA PHE B 156 -28.83 -7.46 -9.32
C PHE B 156 -28.22 -8.10 -8.09
N PHE B 157 -28.65 -7.62 -6.92
CA PHE B 157 -28.27 -8.19 -5.64
C PHE B 157 -29.03 -9.49 -5.41
N GLU B 158 -28.52 -10.29 -4.49
CA GLU B 158 -29.23 -11.44 -3.94
C GLU B 158 -28.71 -11.65 -2.52
N PRO B 159 -29.59 -11.60 -1.52
CA PRO B 159 -29.12 -11.86 -0.15
C PRO B 159 -29.12 -13.35 0.20
N GLY B 160 -28.10 -13.75 0.95
CA GLY B 160 -28.05 -15.08 1.56
C GLY B 160 -26.97 -15.99 1.02
N VAL B 161 -27.32 -17.25 0.80
CA VAL B 161 -26.35 -18.29 0.45
C VAL B 161 -25.98 -18.18 -1.02
N ILE B 162 -24.68 -18.14 -1.30
CA ILE B 162 -24.18 -18.08 -2.66
C ILE B 162 -24.11 -19.52 -3.20
N PRO B 163 -24.59 -19.76 -4.44
CA PRO B 163 -24.40 -21.08 -5.03
C PRO B 163 -22.91 -21.35 -5.32
N VAL B 164 -22.47 -22.56 -5.00
CA VAL B 164 -21.05 -22.88 -4.99
C VAL B 164 -20.81 -24.23 -5.69
N LYS B 165 -19.53 -24.55 -5.87
CA LYS B 165 -19.07 -25.89 -6.25
C LYS B 165 -17.87 -26.24 -5.37
N PRO B 166 -18.09 -27.06 -4.33
CA PRO B 166 -16.93 -27.52 -3.55
C PRO B 166 -16.06 -28.47 -4.36
N THR B 167 -14.76 -28.18 -4.39
CA THR B 167 -13.78 -29.03 -5.06
C THR B 167 -12.80 -29.50 -3.99
N VAL B 168 -11.75 -30.22 -4.40
CA VAL B 168 -10.74 -30.72 -3.48
C VAL B 168 -9.92 -29.61 -2.79
N ASN B 169 -9.77 -28.46 -3.45
CA ASN B 169 -8.93 -27.40 -2.92
C ASN B 169 -9.46 -25.97 -3.05
N ASN B 170 -10.61 -25.77 -3.67
CA ASN B 170 -11.13 -24.43 -3.88
C ASN B 170 -12.64 -24.51 -4.05
N ILE B 171 -13.29 -23.35 -3.93
CA ILE B 171 -14.73 -23.23 -4.16
C ILE B 171 -14.97 -22.33 -5.37
N GLY B 172 -15.65 -22.88 -6.36
CA GLY B 172 -16.06 -22.13 -7.55
C GLY B 172 -17.57 -21.89 -7.52
N PRO B 173 -18.02 -20.78 -8.13
CA PRO B 173 -19.46 -20.57 -8.23
C PRO B 173 -20.11 -21.51 -9.24
N ASP B 174 -21.44 -21.60 -9.17
CA ASP B 174 -22.20 -22.58 -9.93
C ASP B 174 -23.12 -21.86 -10.91
N GLN B 175 -22.67 -21.74 -12.16
CA GLN B 175 -23.47 -21.07 -13.20
C GLN B 175 -24.60 -21.94 -13.77
N ASP B 176 -24.74 -23.17 -13.31
CA ASP B 176 -25.89 -23.99 -13.68
C ASP B 176 -27.17 -23.53 -12.98
N ARG B 177 -27.03 -22.92 -11.81
CA ARG B 177 -28.18 -22.46 -11.04
C ARG B 177 -28.56 -21.00 -11.29
N LEU B 178 -27.65 -20.21 -11.87
CA LEU B 178 -27.91 -18.80 -12.14
C LEU B 178 -28.35 -18.52 -13.57
N THR B 179 -28.44 -19.54 -14.40
CA THR B 179 -28.95 -19.39 -15.76
C THR B 179 -30.49 -19.38 -15.75
N GLY B 180 -31.11 -19.47 -16.92
CA GLY B 180 -32.56 -19.49 -17.06
C GLY B 180 -33.19 -18.16 -16.64
N ALA B 181 -34.50 -18.08 -16.35
CA ALA B 181 -35.57 -19.14 -16.41
C ALA B 181 -35.50 -20.32 -15.42
N VAL B 182 -34.52 -20.35 -14.54
CA VAL B 182 -34.58 -21.19 -13.35
C VAL B 182 -34.22 -20.32 -12.14
N ALA B 183 -33.67 -19.14 -12.40
CA ALA B 183 -33.41 -18.14 -11.39
C ALA B 183 -33.74 -16.77 -11.98
N PRO B 184 -35.00 -16.31 -11.79
CA PRO B 184 -35.38 -15.02 -12.35
C PRO B 184 -34.77 -13.85 -11.59
N SER B 185 -34.79 -12.69 -12.21
CA SER B 185 -34.25 -11.46 -11.62
C SER B 185 -35.33 -10.37 -11.60
N ASP B 186 -36.55 -10.76 -11.24
CA ASP B 186 -37.68 -9.84 -11.27
C ASP B 186 -38.06 -9.29 -9.90
N ASN B 187 -37.58 -9.90 -8.84
CA ASN B 187 -37.89 -9.44 -7.48
C ASN B 187 -36.69 -8.88 -6.72
N ASN B 188 -35.48 -9.11 -7.21
CA ASN B 188 -34.28 -8.56 -6.58
C ASN B 188 -34.14 -7.06 -6.86
N TYR B 189 -33.41 -6.37 -5.99
CA TYR B 189 -32.90 -5.03 -6.27
C TYR B 189 -31.97 -5.09 -7.46
N LYS B 190 -32.16 -4.23 -8.46
CA LYS B 190 -31.35 -4.32 -9.68
C LYS B 190 -31.10 -2.94 -10.25
N TYR B 191 -30.17 -2.89 -11.19
CA TYR B 191 -29.87 -1.69 -11.97
C TYR B 191 -29.60 -2.10 -13.40
N ILE B 192 -30.24 -1.41 -14.34
CA ILE B 192 -30.15 -1.79 -15.75
C ILE B 192 -29.38 -0.69 -16.45
N LEU B 193 -28.07 -0.88 -16.60
CA LEU B 193 -27.26 0.16 -17.24
C LEU B 193 -27.40 0.08 -18.76
N ASP B 194 -27.06 1.19 -19.41
CA ASP B 194 -27.22 1.34 -20.84
C ASP B 194 -25.87 1.66 -21.47
N LEU B 195 -25.43 0.83 -22.41
CA LEU B 195 -24.13 1.02 -23.04
C LEU B 195 -24.15 2.01 -24.22
N THR B 196 -25.24 2.74 -24.42
CA THR B 196 -25.32 3.65 -25.56
C THR B 196 -24.41 4.87 -25.36
N ASN B 197 -24.65 5.59 -24.26
CA ASN B 197 -23.73 6.67 -23.87
C ASN B 197 -23.31 6.66 -22.41
N ASP B 198 -24.06 5.97 -21.56
CA ASP B 198 -23.70 5.83 -20.15
C ASP B 198 -22.57 4.81 -20.07
N THR B 199 -21.61 5.05 -19.20
CA THR B 199 -20.48 4.13 -19.04
C THR B 199 -20.39 3.54 -17.64
N GLU B 200 -20.25 4.39 -16.64
CA GLU B 200 -19.98 3.94 -15.27
C GLU B 200 -21.22 3.90 -14.41
N VAL B 201 -21.10 3.18 -13.30
CA VAL B 201 -22.12 3.17 -12.25
C VAL B 201 -21.42 2.78 -10.95
N THR B 202 -21.84 3.37 -9.85
CA THR B 202 -21.39 2.95 -8.51
C THR B 202 -22.60 2.41 -7.78
N ILE B 203 -22.48 1.19 -7.27
CA ILE B 203 -23.60 0.46 -6.70
C ILE B 203 -23.33 0.21 -5.23
N ARG B 204 -23.78 1.12 -4.38
CA ARG B 204 -23.57 0.98 -2.94
C ARG B 204 -24.56 -0.02 -2.37
N VAL B 205 -24.01 -1.03 -1.69
CA VAL B 205 -24.81 -2.09 -1.08
C VAL B 205 -24.63 -2.01 0.43
N PRO B 206 -25.65 -1.52 1.16
CA PRO B 206 -25.56 -1.54 2.62
C PRO B 206 -25.66 -2.95 3.21
N PHE B 207 -25.45 -3.03 4.53
CA PHE B 207 -25.27 -4.31 5.20
C PHE B 207 -26.59 -4.81 5.80
N VAL B 208 -27.13 -5.89 5.23
CA VAL B 208 -28.34 -6.51 5.76
C VAL B 208 -28.28 -8.03 5.65
N SER B 209 -27.95 -8.68 6.77
CA SER B 209 -28.20 -10.11 6.92
C SER B 209 -28.26 -10.52 8.38
N ASN B 210 -29.46 -10.46 8.96
CA ASN B 210 -29.89 -11.16 10.20
C ASN B 210 -28.90 -11.38 11.38
N LYS B 211 -27.80 -10.63 11.39
CA LYS B 211 -26.76 -10.76 12.41
C LYS B 211 -26.12 -9.40 12.57
N MET B 212 -25.47 -9.19 13.70
CA MET B 212 -24.87 -7.89 13.94
C MET B 212 -23.53 -7.78 13.23
N PHE B 213 -22.80 -8.88 13.10
CA PHE B 213 -21.50 -8.88 12.41
C PHE B 213 -21.32 -10.20 11.68
N LEU B 214 -20.72 -10.16 10.49
CA LEU B 214 -20.34 -11.39 9.79
C LEU B 214 -18.92 -11.79 10.20
N LYS B 215 -18.34 -12.78 9.54
CA LYS B 215 -17.00 -13.24 9.86
C LYS B 215 -16.01 -12.84 8.78
N THR B 216 -14.74 -12.80 9.15
CA THR B 216 -13.67 -12.43 8.23
C THR B 216 -12.81 -13.63 7.82
N ALA B 217 -13.39 -14.82 7.78
CA ALA B 217 -12.66 -16.00 7.30
C ALA B 217 -12.51 -15.91 5.78
N GLY B 218 -13.64 -15.78 5.09
CA GLY B 218 -13.64 -15.68 3.63
C GLY B 218 -13.30 -17.01 2.98
N ILE B 219 -12.14 -17.06 2.33
CA ILE B 219 -11.77 -18.21 1.51
C ILE B 219 -10.67 -19.08 2.13
N TYR B 220 -10.17 -18.67 3.30
CA TYR B 220 -9.11 -19.42 3.99
C TYR B 220 -9.62 -20.78 4.45
N GLY B 221 -9.04 -21.84 3.91
CA GLY B 221 -9.44 -23.20 4.24
C GLY B 221 -10.83 -23.57 3.74
N ALA B 222 -11.26 -22.94 2.65
CA ALA B 222 -12.58 -23.20 2.09
C ALA B 222 -12.47 -24.28 1.02
N ASN B 223 -13.08 -25.44 1.29
CA ASN B 223 -12.99 -26.58 0.39
C ASN B 223 -14.20 -27.49 0.59
N SER B 224 -14.11 -28.73 0.13
CA SER B 224 -15.15 -29.73 0.34
C SER B 224 -15.39 -30.06 1.81
N GLU B 225 -14.33 -30.01 2.61
CA GLU B 225 -14.40 -30.35 4.03
C GLU B 225 -14.98 -29.22 4.88
N ASN B 226 -14.26 -28.10 4.91
CA ASN B 226 -14.54 -27.00 5.84
C ASN B 226 -15.09 -25.79 5.09
N ASN B 227 -16.40 -25.77 4.87
CA ASN B 227 -17.03 -24.63 4.20
C ASN B 227 -18.29 -24.15 4.91
N TRP B 228 -18.22 -24.01 6.23
CA TRP B 228 -19.28 -23.31 6.95
C TRP B 228 -19.00 -21.81 7.02
N ASN B 229 -17.74 -21.45 7.24
CA ASN B 229 -17.35 -20.06 7.40
C ASN B 229 -17.47 -19.25 6.12
N PHE B 230 -17.42 -19.92 4.97
CA PHE B 230 -17.59 -19.23 3.70
C PHE B 230 -19.03 -18.77 3.50
N HIS B 231 -19.99 -19.56 3.97
CA HIS B 231 -21.38 -19.18 3.84
C HIS B 231 -21.75 -18.04 4.80
N GLU B 232 -21.18 -18.06 6.00
CA GLU B 232 -21.51 -17.07 7.03
C GLU B 232 -20.54 -15.89 6.99
N SER B 233 -20.28 -15.34 5.80
CA SER B 233 -19.32 -14.25 5.69
C SER B 233 -19.64 -13.15 4.68
N PHE B 234 -20.76 -13.21 3.99
CA PHE B 234 -20.92 -12.31 2.85
C PHE B 234 -22.22 -11.52 2.76
N SER B 235 -23.34 -12.10 3.17
CA SER B 235 -24.68 -11.62 2.81
C SER B 235 -24.85 -11.53 1.29
N GLY B 236 -24.55 -12.64 0.62
CA GLY B 236 -24.93 -12.83 -0.77
C GLY B 236 -23.96 -12.29 -1.80
N PHE B 237 -24.49 -11.95 -2.96
CA PHE B 237 -23.68 -11.65 -4.13
C PHE B 237 -24.37 -10.70 -5.08
N LEU B 238 -23.59 -9.82 -5.70
CA LEU B 238 -24.02 -9.19 -6.94
C LEU B 238 -23.93 -10.20 -8.06
N CYS B 239 -24.63 -9.92 -9.16
CA CYS B 239 -24.59 -10.78 -10.33
C CYS B 239 -24.76 -9.93 -11.57
N ILE B 240 -23.76 -9.99 -12.45
CA ILE B 240 -23.77 -9.21 -13.68
C ILE B 240 -24.15 -10.17 -14.80
N ARG B 241 -25.41 -10.11 -15.23
CA ARG B 241 -25.84 -10.87 -16.39
C ARG B 241 -26.59 -9.98 -17.35
N PRO B 242 -26.35 -10.16 -18.66
CA PRO B 242 -26.89 -9.22 -19.62
C PRO B 242 -28.36 -9.45 -19.95
N VAL B 243 -29.12 -8.37 -19.98
CA VAL B 243 -30.50 -8.43 -20.46
C VAL B 243 -30.50 -8.63 -21.97
N THR B 244 -29.80 -7.73 -22.67
CA THR B 244 -29.80 -7.73 -24.13
C THR B 244 -28.36 -7.96 -24.60
N LYS B 245 -28.23 -8.75 -25.66
CA LYS B 245 -26.94 -9.21 -26.17
C LYS B 245 -26.14 -8.05 -26.74
N LEU B 246 -24.82 -8.22 -26.79
CA LEU B 246 -23.93 -7.17 -27.29
C LEU B 246 -24.07 -6.97 -28.79
N MET B 247 -24.37 -5.74 -29.20
CA MET B 247 -24.51 -5.41 -30.63
C MET B 247 -23.25 -4.67 -31.06
N ALA B 248 -22.42 -5.31 -31.86
CA ALA B 248 -21.15 -4.73 -32.32
C ALA B 248 -20.96 -4.99 -33.81
N PRO B 249 -20.66 -3.94 -34.59
CA PRO B 249 -20.30 -4.17 -36.00
C PRO B 249 -18.97 -4.90 -36.18
N ASP B 250 -18.68 -5.27 -37.41
CA ASP B 250 -17.43 -5.98 -37.72
C ASP B 250 -16.17 -5.13 -37.63
N THR B 251 -16.31 -3.80 -37.63
CA THR B 251 -15.15 -2.91 -37.56
C THR B 251 -14.56 -2.94 -36.15
N VAL B 252 -15.36 -2.56 -35.16
CA VAL B 252 -14.95 -2.63 -33.77
C VAL B 252 -14.86 -4.08 -33.31
N SER B 253 -14.16 -4.31 -32.21
CA SER B 253 -13.98 -5.68 -31.72
C SER B 253 -15.19 -6.17 -30.96
N ASP B 254 -15.37 -7.49 -30.98
CA ASP B 254 -16.51 -8.14 -30.34
C ASP B 254 -16.35 -8.34 -28.82
N ASN B 255 -15.19 -7.99 -28.27
CA ASN B 255 -14.91 -8.16 -26.86
C ASN B 255 -14.87 -6.79 -26.20
N VAL B 256 -15.67 -6.62 -25.16
CA VAL B 256 -15.60 -5.44 -24.31
C VAL B 256 -15.13 -5.89 -22.93
N SER B 257 -14.72 -4.92 -22.13
CA SER B 257 -14.19 -5.21 -20.81
C SER B 257 -15.04 -4.57 -19.73
N ILE B 258 -15.31 -5.33 -18.68
CA ILE B 258 -16.04 -4.85 -17.52
C ILE B 258 -15.10 -4.95 -16.32
N VAL B 259 -14.72 -3.79 -15.79
CA VAL B 259 -13.78 -3.71 -14.68
C VAL B 259 -14.57 -3.44 -13.40
N VAL B 260 -14.44 -4.35 -12.44
CA VAL B 260 -15.17 -4.26 -11.19
C VAL B 260 -14.23 -3.73 -10.11
N TRP B 261 -14.48 -2.51 -9.67
CA TRP B 261 -13.74 -1.92 -8.55
C TRP B 261 -14.39 -2.32 -7.23
N LYS B 262 -13.72 -2.04 -6.13
CA LYS B 262 -14.22 -2.45 -4.81
C LYS B 262 -13.63 -1.61 -3.71
N TRP B 263 -14.49 -1.11 -2.83
CA TRP B 263 -14.08 -0.60 -1.53
C TRP B 263 -15.22 -0.77 -0.53
N ALA B 264 -15.01 -0.27 0.69
CA ALA B 264 -15.98 -0.41 1.75
C ALA B 264 -16.02 0.84 2.61
N GLU B 265 -17.20 1.41 2.77
CA GLU B 265 -17.40 2.59 3.60
C GLU B 265 -18.04 2.21 4.93
N ASP B 266 -17.89 3.11 5.90
CA ASP B 266 -18.53 2.99 7.24
C ASP B 266 -18.12 1.71 7.98
N VAL B 267 -16.85 1.36 7.85
CA VAL B 267 -16.38 0.07 8.30
C VAL B 267 -16.22 0.08 9.82
N VAL B 268 -16.77 -0.94 10.47
CA VAL B 268 -16.52 -1.20 11.88
C VAL B 268 -16.13 -2.66 12.05
N VAL B 269 -15.24 -2.92 12.99
CA VAL B 269 -14.70 -4.25 13.23
C VAL B 269 -14.77 -4.54 14.72
N VAL B 270 -14.49 -5.78 15.10
CA VAL B 270 -14.78 -6.24 16.46
C VAL B 270 -13.52 -6.60 17.25
N GLU B 271 -12.83 -7.64 16.85
CA GLU B 271 -11.71 -8.06 17.64
C GLU B 271 -10.42 -7.92 16.93
N PRO B 272 -9.39 -7.49 17.63
CA PRO B 272 -8.07 -7.45 17.01
C PRO B 272 -7.33 -8.80 17.08
N LYS B 273 -7.94 -9.86 16.54
CA LYS B 273 -7.24 -11.10 16.31
C LYS B 273 -7.77 -11.74 15.03
N PRO B 274 -6.93 -12.52 14.33
CA PRO B 274 -7.40 -13.20 13.13
C PRO B 274 -8.26 -14.40 13.47
N LEU B 275 -9.40 -14.53 12.79
CA LEU B 275 -10.29 -15.66 13.00
C LEU B 275 -9.79 -16.92 12.30
N THR B 276 -8.84 -16.77 11.38
CA THR B 276 -8.36 -17.89 10.57
C THR B 276 -7.54 -18.86 11.41
N SER B 277 -7.37 -20.07 10.89
CA SER B 277 -6.54 -21.09 11.53
C SER B 277 -5.07 -20.98 11.14
N GLY B 278 -4.52 -19.77 11.26
CA GLY B 278 -3.13 -19.51 10.95
C GLY B 278 -2.80 -18.06 11.23
N PRO B 279 -1.51 -17.74 11.49
CA PRO B 279 -1.17 -16.33 11.70
C PRO B 279 -1.24 -15.51 10.42
N THR B 280 -1.19 -14.19 10.56
CA THR B 280 -1.18 -13.31 9.41
C THR B 280 0.18 -13.39 8.72
N GLN B 281 0.33 -14.38 7.84
CA GLN B 281 1.56 -14.56 7.08
C GLN B 281 1.39 -13.84 5.75
N VAL B 282 2.29 -12.91 5.46
CA VAL B 282 2.27 -12.18 4.21
C VAL B 282 3.08 -12.96 3.19
N TYR B 283 2.47 -13.22 2.04
CA TYR B 283 3.08 -14.05 1.01
C TYR B 283 4.25 -13.33 0.36
N ARG B 284 5.43 -13.91 0.47
CA ARG B 284 6.62 -13.37 -0.17
C ARG B 284 6.89 -14.20 -1.42
N PRO B 285 6.93 -13.57 -2.61
CA PRO B 285 7.14 -14.32 -3.84
C PRO B 285 8.55 -14.91 -3.93
N PRO B 286 8.65 -16.25 -4.12
CA PRO B 286 9.97 -16.87 -4.24
C PRO B 286 10.68 -16.47 -5.53
N PRO B 287 12.02 -16.48 -5.53
CA PRO B 287 12.74 -16.17 -6.76
C PRO B 287 12.60 -17.22 -7.87
N THR B 288 12.63 -18.50 -7.51
CA THR B 288 12.53 -19.58 -8.47
C THR B 288 11.46 -20.55 -7.99
N ALA B 289 10.69 -21.10 -8.94
CA ALA B 289 9.54 -21.96 -8.64
C ALA B 289 9.86 -23.25 -7.87
N SER B 290 11.12 -23.69 -7.91
CA SER B 290 11.55 -24.86 -7.15
C SER B 290 11.74 -24.60 -5.65
N THR B 291 11.72 -23.33 -5.24
CA THR B 291 11.90 -22.98 -3.84
C THR B 291 10.55 -22.80 -3.15
N ALA B 292 10.48 -23.19 -1.88
CA ALA B 292 9.25 -23.14 -1.10
C ALA B 292 9.28 -22.01 -0.06
N VAL B 293 8.16 -21.81 0.61
CA VAL B 293 7.99 -20.72 1.56
C VAL B 293 7.98 -21.28 2.98
N GLU B 294 8.61 -20.57 3.91
CA GLU B 294 8.59 -20.94 5.32
C GLU B 294 7.18 -20.76 5.89
N VAL B 295 6.76 -21.73 6.68
CA VAL B 295 5.39 -21.80 7.20
C VAL B 295 5.41 -21.54 8.70
N LEU B 296 4.59 -20.59 9.14
CA LEU B 296 4.44 -20.29 10.56
C LEU B 296 3.57 -21.34 11.22
N ASN B 297 4.05 -21.86 12.35
CA ASN B 297 3.37 -22.94 13.07
C ASN B 297 2.80 -22.41 14.39
N VAL B 298 2.09 -23.27 15.11
CA VAL B 298 1.23 -22.83 16.22
C VAL B 298 1.74 -23.16 17.62
N GLU B 299 2.96 -23.69 17.76
CA GLU B 299 3.49 -23.90 19.11
C GLU B 299 3.96 -22.57 19.70
N LEU B 300 4.22 -22.58 21.00
CA LEU B 300 4.65 -21.38 21.71
C LEU B 300 5.95 -21.68 22.44
N SER C 1 35.53 55.76 3.17
CA SER C 1 37.00 55.91 3.15
C SER C 1 37.71 54.73 3.82
N GLU C 2 37.07 54.16 4.83
CA GLU C 2 37.52 52.93 5.50
C GLU C 2 36.63 51.72 5.16
N ASN C 3 35.34 51.97 4.94
CA ASN C 3 34.33 50.91 4.83
C ASN C 3 33.94 50.67 3.38
N SER C 4 34.69 49.82 2.70
CA SER C 4 34.35 49.37 1.35
C SER C 4 34.05 47.88 1.37
N VAL C 5 32.81 47.55 1.73
CA VAL C 5 32.32 46.18 1.71
C VAL C 5 31.05 46.17 0.87
N GLU C 6 31.18 45.73 -0.37
CA GLU C 6 30.06 45.66 -1.30
C GLU C 6 29.65 44.23 -1.52
N THR C 7 28.44 44.05 -2.05
CA THR C 7 27.80 42.75 -2.15
C THR C 7 27.27 42.53 -3.56
N GLN C 8 27.73 41.44 -4.18
CA GLN C 8 27.25 40.99 -5.48
C GLN C 8 26.09 40.01 -5.29
N GLU C 9 25.84 39.13 -6.26
CA GLU C 9 24.87 38.04 -6.06
C GLU C 9 25.14 37.27 -4.78
N ILE C 10 26.16 36.41 -4.78
CA ILE C 10 26.64 35.70 -3.60
C ILE C 10 28.19 35.85 -3.68
N THR C 11 28.70 36.94 -3.07
CA THR C 11 30.11 37.44 -3.20
C THR C 11 30.26 38.79 -2.45
N THR C 12 31.29 38.92 -1.61
CA THR C 12 31.55 40.17 -0.88
C THR C 12 33.03 40.55 -0.96
N PHE C 13 33.33 41.85 -0.94
CA PHE C 13 34.71 42.37 -1.07
C PHE C 13 35.14 43.14 0.15
N HIS C 14 36.46 43.40 0.25
CA HIS C 14 37.03 44.07 1.40
C HIS C 14 38.24 44.88 0.99
N ASP C 15 38.02 46.15 0.68
CA ASP C 15 39.09 47.05 0.25
C ASP C 15 39.36 48.12 1.31
N VAL C 16 40.42 48.89 1.08
CA VAL C 16 40.78 49.97 2.00
C VAL C 16 39.82 51.13 1.83
N GLU C 17 39.73 51.64 0.60
CA GLU C 17 38.76 52.69 0.27
C GLU C 17 37.93 52.24 -0.91
N THR C 18 36.91 53.01 -1.22
CA THR C 18 36.13 52.79 -2.44
C THR C 18 37.01 53.19 -3.63
N PRO C 19 37.46 52.22 -4.46
CA PRO C 19 38.53 52.48 -5.42
C PRO C 19 38.10 53.34 -6.62
N ASN C 20 37.93 54.63 -6.31
CA ASN C 20 37.65 55.74 -7.25
C ASN C 20 36.89 55.42 -8.54
N ARG C 21 35.75 54.75 -8.38
CA ARG C 21 35.04 54.13 -9.49
C ARG C 21 34.33 55.17 -10.36
N ILE C 22 34.60 55.14 -11.66
CA ILE C 22 33.92 55.96 -12.65
C ILE C 22 32.89 55.07 -13.35
N ASP C 23 31.89 55.66 -13.98
CA ASP C 23 30.83 54.90 -14.63
C ASP C 23 30.24 55.71 -15.79
N THR C 24 29.07 55.28 -16.28
CA THR C 24 28.37 55.94 -17.37
C THR C 24 27.94 57.35 -16.96
N PRO C 25 28.01 58.34 -17.88
CA PRO C 25 27.47 59.68 -17.56
C PRO C 25 25.97 59.67 -17.25
N MET C 26 25.15 59.17 -18.18
CA MET C 26 23.73 58.92 -17.90
C MET C 26 23.34 57.59 -18.51
N ALA C 27 22.68 56.74 -17.72
CA ALA C 27 22.29 55.40 -18.14
C ALA C 27 21.02 55.45 -19.00
N GLN C 28 21.20 55.89 -20.24
CA GLN C 28 20.09 55.95 -21.19
C GLN C 28 19.75 54.55 -21.68
N ASP C 29 18.46 54.26 -21.79
CA ASP C 29 17.97 53.00 -22.35
C ASP C 29 18.37 52.87 -23.82
N THR C 30 18.50 51.64 -24.28
CA THR C 30 18.94 51.32 -25.64
C THR C 30 18.01 50.23 -26.20
N SER C 31 18.48 49.46 -27.19
CA SER C 31 17.69 48.47 -27.94
C SER C 31 16.72 47.63 -27.12
N SER C 32 15.59 47.29 -27.73
CA SER C 32 14.37 46.98 -27.01
C SER C 32 14.11 45.49 -26.75
N ALA C 33 15.15 44.75 -26.35
CA ALA C 33 14.99 43.35 -25.97
C ALA C 33 14.16 43.16 -24.70
N ARG C 34 14.11 44.18 -23.84
CA ARG C 34 13.22 44.15 -22.66
C ARG C 34 11.75 44.28 -23.06
N ASN C 35 11.49 44.97 -24.17
CA ASN C 35 10.13 45.19 -24.64
C ASN C 35 9.58 44.03 -25.49
N MET C 36 10.39 43.02 -25.76
CA MET C 36 9.98 41.88 -26.58
C MET C 36 9.60 40.64 -25.77
N ASP C 37 10.24 40.46 -24.60
CA ASP C 37 9.91 39.36 -23.70
C ASP C 37 10.34 39.74 -22.29
N ASP C 38 9.57 39.31 -21.31
CA ASP C 38 9.97 39.47 -19.92
C ASP C 38 10.99 38.40 -19.56
N THR C 39 11.83 38.70 -18.57
CA THR C 39 12.93 37.82 -18.22
C THR C 39 12.41 36.57 -17.51
N HIS C 40 12.89 35.42 -17.96
CA HIS C 40 12.46 34.13 -17.43
C HIS C 40 13.41 33.72 -16.32
N SER C 41 12.90 33.65 -15.10
CA SER C 41 13.71 33.25 -13.95
C SER C 41 14.06 31.76 -14.03
N ILE C 42 14.98 31.35 -13.18
CA ILE C 42 15.40 29.95 -13.17
C ILE C 42 14.35 29.03 -12.53
N ILE C 43 13.49 29.60 -11.69
CA ILE C 43 12.33 28.87 -11.21
C ILE C 43 11.19 28.85 -12.23
N GLN C 44 11.22 29.83 -13.13
CA GLN C 44 10.30 29.88 -14.26
C GLN C 44 10.75 28.94 -15.38
N PHE C 45 12.06 28.75 -15.51
CA PHE C 45 12.62 27.93 -16.58
C PHE C 45 12.48 26.43 -16.35
N LEU C 46 12.41 26.00 -15.09
CA LEU C 46 12.19 24.60 -14.77
C LEU C 46 10.71 24.26 -14.62
N GLN C 47 9.86 25.00 -15.35
CA GLN C 47 8.45 24.71 -15.44
C GLN C 47 8.01 24.62 -16.91
N ARG C 48 8.91 24.19 -17.78
CA ARG C 48 8.57 24.00 -19.19
C ARG C 48 8.40 22.51 -19.47
N PRO C 49 7.26 22.11 -20.06
CA PRO C 49 7.07 20.69 -20.37
C PRO C 49 7.99 20.21 -21.48
N VAL C 50 8.45 18.97 -21.34
CA VAL C 50 9.37 18.38 -22.31
C VAL C 50 8.77 17.10 -22.88
N LEU C 51 9.05 16.85 -24.15
CA LEU C 51 8.64 15.61 -24.82
C LEU C 51 9.64 14.51 -24.46
N ILE C 52 9.27 13.62 -23.55
CA ILE C 52 10.19 12.59 -23.11
C ILE C 52 10.04 11.33 -23.94
N ASP C 53 8.89 10.68 -23.85
CA ASP C 53 8.74 9.38 -24.47
C ASP C 53 7.55 9.36 -25.40
N ASN C 54 7.61 8.47 -26.39
CA ASN C 54 6.59 8.37 -27.42
C ASN C 54 6.27 6.90 -27.64
N ILE C 55 5.21 6.44 -26.97
CA ILE C 55 4.91 5.01 -26.87
C ILE C 55 3.80 4.66 -27.84
N GLU C 56 4.07 3.70 -28.73
CA GLU C 56 3.12 3.25 -29.73
C GLU C 56 2.69 1.81 -29.44
N ILE C 57 1.38 1.56 -29.46
CA ILE C 57 0.82 0.25 -29.15
C ILE C 57 -0.01 -0.23 -30.33
N ILE C 58 0.19 -1.48 -30.74
CA ILE C 58 -0.58 -2.11 -31.81
C ILE C 58 -1.14 -3.43 -31.28
N ALA C 59 -2.44 -3.65 -31.49
CA ALA C 59 -3.12 -4.86 -31.04
C ALA C 59 -3.62 -5.65 -32.26
N GLY C 60 -2.88 -6.67 -32.69
CA GLY C 60 -1.64 -7.14 -32.06
C GLY C 60 -1.93 -8.27 -31.08
N THR C 61 -1.00 -8.63 -30.20
CA THR C 61 0.35 -8.05 -30.12
C THR C 61 1.34 -9.15 -29.77
N THR C 62 2.45 -9.20 -30.48
CA THR C 62 3.49 -10.17 -30.19
C THR C 62 4.31 -9.75 -28.97
N ALA C 63 4.48 -8.45 -28.77
CA ALA C 63 5.40 -7.91 -27.79
C ALA C 63 4.79 -7.84 -26.38
N ASP C 64 5.58 -7.33 -25.44
CA ASP C 64 5.19 -7.27 -24.03
C ASP C 64 4.23 -6.11 -23.71
N ALA C 65 4.04 -5.19 -24.65
CA ALA C 65 3.24 -3.99 -24.40
C ALA C 65 1.74 -4.24 -24.25
N ASN C 66 1.26 -5.45 -24.56
CA ASN C 66 -0.14 -5.81 -24.32
C ASN C 66 -0.33 -7.11 -23.57
N LYS C 67 0.69 -7.55 -22.84
CA LYS C 67 0.48 -8.56 -21.83
C LYS C 67 -0.32 -7.88 -20.72
N PRO C 68 -1.51 -8.40 -20.40
CA PRO C 68 -2.32 -7.74 -19.38
C PRO C 68 -1.76 -7.95 -17.98
N LEU C 69 -2.31 -7.23 -17.01
CA LEU C 69 -1.89 -7.37 -15.62
C LEU C 69 -2.26 -8.75 -15.08
N SER C 70 -1.28 -9.41 -14.46
CA SER C 70 -1.49 -10.74 -13.91
C SER C 70 -2.37 -10.65 -12.67
N ARG C 71 -3.32 -11.57 -12.55
CA ARG C 71 -4.21 -11.61 -11.40
C ARG C 71 -3.44 -12.01 -10.14
N TYR C 72 -2.48 -12.91 -10.28
CA TYR C 72 -1.60 -13.30 -9.19
C TYR C 72 -0.17 -13.32 -9.67
N VAL C 73 0.75 -13.03 -8.77
CA VAL C 73 2.18 -13.11 -9.02
C VAL C 73 2.73 -14.14 -8.04
N LEU C 74 3.02 -15.34 -8.55
CA LEU C 74 3.42 -16.45 -7.71
C LEU C 74 4.92 -16.54 -7.48
N ASP C 75 5.72 -15.97 -8.39
CA ASP C 75 7.17 -16.04 -8.28
C ASP C 75 7.82 -14.86 -9.00
N GLN C 76 9.04 -14.54 -8.61
CA GLN C 76 9.71 -13.33 -9.07
C GLN C 76 10.15 -13.38 -10.53
N GLN C 77 10.26 -14.57 -11.10
CA GLN C 77 10.50 -14.70 -12.55
C GLN C 77 9.31 -14.18 -13.35
N ASN C 78 8.10 -14.58 -12.93
CA ASN C 78 6.88 -14.07 -13.55
C ASN C 78 6.42 -12.82 -12.83
N SER C 79 7.26 -11.79 -12.89
CA SER C 79 6.96 -10.49 -12.28
C SER C 79 5.86 -9.79 -13.08
N GLN C 80 5.45 -8.63 -12.60
CA GLN C 80 4.40 -7.88 -13.27
C GLN C 80 4.93 -7.22 -14.52
N LYS C 81 4.21 -7.37 -15.63
CA LYS C 81 4.65 -6.85 -16.93
C LYS C 81 4.08 -5.46 -17.17
N TYR C 82 4.95 -4.55 -17.64
CA TYR C 82 4.63 -3.13 -17.76
C TYR C 82 4.95 -2.65 -19.17
N VAL C 83 4.90 -1.33 -19.39
CA VAL C 83 5.25 -0.74 -20.67
C VAL C 83 6.62 -0.08 -20.58
N ARG C 84 6.73 0.98 -19.79
CA ARG C 84 7.99 1.71 -19.59
C ARG C 84 8.18 2.01 -18.12
N SER C 85 9.40 2.40 -17.76
CA SER C 85 9.77 2.70 -16.39
C SER C 85 10.52 4.03 -16.35
N TRP C 86 9.92 5.03 -15.72
CA TRP C 86 10.56 6.32 -15.55
C TRP C 86 11.03 6.46 -14.11
N THR C 87 12.32 6.62 -13.93
CA THR C 87 12.94 6.66 -12.61
C THR C 87 13.21 8.12 -12.24
N LEU C 88 12.15 8.78 -11.77
CA LEU C 88 12.18 10.19 -11.41
C LEU C 88 13.07 10.49 -10.20
N PRO C 89 13.61 11.71 -10.11
CA PRO C 89 13.64 12.80 -11.09
C PRO C 89 14.84 12.72 -12.04
N SER C 90 15.52 11.57 -12.08
CA SER C 90 16.72 11.44 -12.89
C SER C 90 16.42 11.40 -14.39
N THR C 91 15.16 11.23 -14.78
CA THR C 91 14.78 11.33 -16.19
C THR C 91 14.42 12.76 -16.56
N VAL C 92 13.62 13.42 -15.72
CA VAL C 92 13.15 14.77 -16.01
C VAL C 92 14.28 15.81 -15.91
N LEU C 93 15.29 15.54 -15.11
CA LEU C 93 16.40 16.49 -14.98
C LEU C 93 17.38 16.44 -16.14
N ARG C 94 17.64 15.25 -16.67
CA ARG C 94 18.58 15.13 -17.78
C ARG C 94 18.00 15.61 -19.10
N ALA C 95 16.72 15.34 -19.32
CA ALA C 95 16.06 15.69 -20.59
C ALA C 95 15.65 17.16 -20.61
N GLY C 96 15.48 17.67 -21.82
CA GLY C 96 15.07 19.05 -22.03
C GLY C 96 16.14 20.10 -21.77
N GLY C 97 17.39 19.64 -21.63
CA GLY C 97 18.50 20.53 -21.33
C GLY C 97 18.43 21.25 -19.99
N LYS C 98 17.71 20.66 -19.02
CA LYS C 98 17.55 21.29 -17.71
C LYS C 98 18.81 21.18 -16.88
N ALA C 99 19.49 20.04 -16.93
CA ALA C 99 20.69 19.82 -16.12
C ALA C 99 21.87 20.70 -16.54
N GLN C 100 21.87 21.15 -17.79
CA GLN C 100 22.82 22.18 -18.24
C GLN C 100 22.28 23.60 -17.99
N LYS C 101 21.25 23.73 -17.16
CA LYS C 101 20.74 25.02 -16.70
C LYS C 101 20.56 25.11 -15.18
N LEU C 102 20.67 23.99 -14.47
CA LEU C 102 20.75 23.97 -13.02
C LEU C 102 22.10 23.46 -12.54
N ALA C 103 23.13 23.59 -13.36
CA ALA C 103 24.51 23.37 -12.92
C ALA C 103 24.93 24.49 -11.98
N ASN C 104 25.98 24.20 -11.20
CA ASN C 104 26.47 25.08 -10.12
C ASN C 104 25.38 25.42 -9.09
N PHE C 105 24.52 24.43 -8.81
CA PHE C 105 23.65 24.44 -7.64
C PHE C 105 23.80 23.10 -6.94
N LYS C 106 23.26 22.99 -5.73
CA LYS C 106 23.48 21.79 -4.93
C LYS C 106 22.20 21.05 -4.56
N TYR C 107 21.22 21.77 -4.00
CA TYR C 107 20.02 21.13 -3.44
C TYR C 107 18.74 21.58 -4.12
N LEU C 108 17.81 20.64 -4.26
CA LEU C 108 16.60 20.84 -5.05
C LEU C 108 15.39 20.27 -4.32
N ARG C 109 14.29 21.02 -4.33
CA ARG C 109 13.03 20.60 -3.71
C ARG C 109 11.89 20.68 -4.72
N CYS C 110 11.75 19.64 -5.53
CA CYS C 110 10.86 19.67 -6.69
C CYS C 110 9.60 18.83 -6.50
N ASP C 111 8.61 19.12 -7.33
CA ASP C 111 7.43 18.28 -7.49
C ASP C 111 7.22 18.02 -8.97
N VAL C 112 7.27 16.76 -9.38
CA VAL C 112 7.24 16.42 -10.78
C VAL C 112 5.80 16.32 -11.25
N GLN C 113 5.46 17.08 -12.28
CA GLN C 113 4.18 16.92 -12.96
C GLN C 113 4.32 15.87 -14.05
N VAL C 114 3.23 15.18 -14.35
CA VAL C 114 3.19 14.23 -15.45
C VAL C 114 1.87 14.44 -16.19
N LYS C 115 1.96 14.64 -17.51
CA LYS C 115 0.78 14.72 -18.37
C LYS C 115 0.92 13.73 -19.53
N LEU C 116 -0.16 13.05 -19.86
CA LEU C 116 -0.20 12.15 -21.00
C LEU C 116 -1.16 12.65 -22.06
N VAL C 117 -0.61 13.21 -23.12
CA VAL C 117 -1.39 13.48 -24.32
C VAL C 117 -1.61 12.14 -25.03
N LEU C 118 -2.86 11.87 -25.39
CA LEU C 118 -3.25 10.60 -25.98
C LEU C 118 -4.09 10.85 -27.23
N ASN C 119 -3.86 10.06 -28.26
CA ASN C 119 -4.50 10.29 -29.55
C ASN C 119 -4.67 8.98 -30.30
N ALA C 120 -5.87 8.41 -30.20
CA ALA C 120 -6.19 7.13 -30.84
C ALA C 120 -7.51 7.23 -31.61
N ASN C 121 -7.67 6.34 -32.59
CA ASN C 121 -8.88 6.31 -33.41
C ASN C 121 -10.10 5.83 -32.60
N PRO C 122 -11.32 6.19 -33.05
CA PRO C 122 -12.52 5.75 -32.31
C PRO C 122 -12.82 4.24 -32.31
N PHE C 123 -12.20 3.47 -33.21
CA PHE C 123 -12.52 2.04 -33.34
C PHE C 123 -11.63 1.15 -32.44
N VAL C 124 -11.01 1.72 -31.41
CA VAL C 124 -10.11 0.98 -30.53
C VAL C 124 -10.46 1.31 -29.08
N ALA C 125 -10.58 0.27 -28.26
CA ALA C 125 -10.87 0.40 -26.83
C ALA C 125 -9.72 -0.14 -25.99
N GLY C 126 -9.81 0.11 -24.69
CA GLY C 126 -8.84 -0.38 -23.73
C GLY C 126 -8.72 0.56 -22.54
N ARG C 127 -7.86 0.20 -21.59
CA ARG C 127 -7.70 0.97 -20.36
C ARG C 127 -6.35 0.67 -19.75
N MET C 128 -5.68 1.72 -19.28
CA MET C 128 -4.38 1.59 -18.62
C MET C 128 -4.42 2.26 -17.25
N TYR C 129 -3.33 2.15 -16.51
CA TYR C 129 -3.23 2.71 -15.18
C TYR C 129 -1.81 3.18 -14.92
N LEU C 130 -1.68 4.44 -14.50
CA LEU C 130 -0.39 5.12 -14.39
C LEU C 130 0.00 5.25 -12.92
N ALA C 131 0.66 4.22 -12.39
CA ALA C 131 1.02 4.16 -10.97
C ALA C 131 2.45 4.61 -10.73
N TYR C 132 2.68 5.27 -9.60
CA TYR C 132 4.03 5.62 -9.15
C TYR C 132 4.29 4.95 -7.83
N SER C 133 5.52 4.51 -7.62
CA SER C 133 5.89 3.85 -6.38
C SER C 133 7.26 4.34 -5.91
N PRO C 134 7.30 5.06 -4.78
CA PRO C 134 8.59 5.53 -4.30
C PRO C 134 9.45 4.42 -3.75
N TYR C 135 10.75 4.52 -4.03
CA TYR C 135 11.77 3.55 -3.60
C TYR C 135 11.45 2.14 -4.10
N ASP C 136 10.92 2.07 -5.32
CA ASP C 136 10.41 0.81 -5.85
C ASP C 136 11.55 -0.16 -6.18
N ASP C 137 12.73 0.37 -6.50
CA ASP C 137 13.91 -0.48 -6.66
C ASP C 137 14.99 -0.21 -5.58
N LYS C 138 14.52 0.10 -4.37
CA LYS C 138 15.38 0.25 -3.19
C LYS C 138 14.90 -0.59 -2.01
N VAL C 139 13.60 -0.69 -1.84
CA VAL C 139 12.99 -1.51 -0.79
C VAL C 139 13.14 -2.99 -1.08
N ASP C 140 12.79 -3.81 -0.09
CA ASP C 140 12.84 -5.26 -0.20
C ASP C 140 11.87 -5.76 -1.27
N THR C 141 12.07 -6.99 -1.72
CA THR C 141 11.48 -7.46 -2.97
C THR C 141 9.96 -7.54 -2.95
N ALA C 142 9.39 -7.98 -1.83
CA ALA C 142 7.95 -8.19 -1.74
C ALA C 142 7.12 -6.90 -1.75
N ARG C 143 7.75 -5.76 -1.46
CA ARG C 143 7.02 -4.51 -1.32
C ARG C 143 6.91 -3.70 -2.61
N SER C 144 7.62 -4.10 -3.67
CA SER C 144 7.57 -3.39 -4.94
C SER C 144 6.23 -3.62 -5.65
N VAL C 145 5.94 -2.77 -6.62
CA VAL C 145 4.72 -2.91 -7.42
C VAL C 145 4.79 -4.15 -8.32
N LEU C 146 5.98 -4.51 -8.75
CA LEU C 146 6.16 -5.57 -9.74
C LEU C 146 5.98 -6.99 -9.18
N GLN C 147 5.71 -7.11 -7.89
CA GLN C 147 5.57 -8.41 -7.25
C GLN C 147 4.19 -8.66 -6.64
N THR C 148 3.33 -7.65 -6.60
CA THR C 148 2.02 -7.78 -5.98
C THR C 148 0.96 -8.13 -7.02
N SER C 149 -0.24 -8.44 -6.55
CA SER C 149 -1.34 -8.86 -7.42
C SER C 149 -1.94 -7.66 -8.14
N ARG C 150 -2.93 -7.94 -8.99
CA ARG C 150 -3.59 -6.90 -9.77
C ARG C 150 -4.37 -5.93 -8.89
N ALA C 151 -4.95 -6.43 -7.80
CA ALA C 151 -5.62 -5.55 -6.84
C ALA C 151 -4.62 -4.72 -6.05
N GLY C 152 -3.39 -5.23 -5.90
CA GLY C 152 -2.32 -4.51 -5.22
C GLY C 152 -1.62 -3.50 -6.09
N VAL C 153 -1.55 -3.75 -7.40
CA VAL C 153 -0.98 -2.78 -8.33
C VAL C 153 -1.89 -1.57 -8.44
N THR C 154 -3.18 -1.81 -8.67
CA THR C 154 -4.12 -0.73 -8.86
C THR C 154 -4.36 0.07 -7.58
N GLY C 155 -4.19 -0.56 -6.42
CA GLY C 155 -4.29 0.13 -5.13
C GLY C 155 -3.23 1.18 -4.87
N TYR C 156 -2.15 1.19 -5.65
CA TYR C 156 -1.16 2.25 -5.60
C TYR C 156 -1.78 3.54 -6.14
N PRO C 157 -1.24 4.71 -5.76
CA PRO C 157 -1.80 5.95 -6.30
C PRO C 157 -1.55 6.11 -7.80
N GLY C 158 -2.50 6.75 -8.46
CA GLY C 158 -2.44 6.91 -9.91
C GLY C 158 -3.75 7.43 -10.46
N VAL C 159 -3.94 7.23 -11.76
CA VAL C 159 -5.13 7.72 -12.44
C VAL C 159 -5.52 6.72 -13.54
N GLU C 160 -6.81 6.63 -13.81
CA GLU C 160 -7.32 5.83 -14.91
C GLU C 160 -6.86 6.41 -16.24
N LEU C 161 -6.72 5.56 -17.24
CA LEU C 161 -6.20 6.01 -18.53
C LEU C 161 -7.03 5.41 -19.66
N ASP C 162 -8.34 5.63 -19.58
CA ASP C 162 -9.24 5.17 -20.64
C ASP C 162 -9.06 6.03 -21.88
N PHE C 163 -9.31 5.45 -23.05
CA PHE C 163 -9.06 6.12 -24.32
C PHE C 163 -10.12 7.16 -24.66
N GLN C 164 -11.36 6.71 -24.78
CA GLN C 164 -12.45 7.54 -25.28
C GLN C 164 -12.94 8.61 -24.30
N LEU C 165 -12.61 8.48 -23.02
CA LEU C 165 -13.01 9.46 -22.02
C LEU C 165 -11.91 10.43 -21.60
N ASP C 166 -10.65 10.02 -21.75
CA ASP C 166 -9.53 10.81 -21.23
C ASP C 166 -8.49 10.99 -22.33
N ASN C 167 -8.39 12.21 -22.84
CA ASN C 167 -7.32 12.60 -23.77
C ASN C 167 -6.17 13.32 -23.08
N SER C 168 -6.26 13.47 -21.76
CA SER C 168 -5.24 14.18 -20.99
C SER C 168 -5.43 13.86 -19.51
N VAL C 169 -4.32 13.55 -18.84
CA VAL C 169 -4.32 13.34 -17.40
C VAL C 169 -3.34 14.31 -16.76
N GLU C 170 -3.63 14.70 -15.53
CA GLU C 170 -2.77 15.59 -14.76
C GLU C 170 -2.47 14.91 -13.44
N MET C 171 -1.24 14.44 -13.26
CA MET C 171 -0.85 13.82 -12.01
C MET C 171 0.30 14.61 -11.38
N THR C 172 0.18 14.87 -10.09
CA THR C 172 1.15 15.64 -9.33
C THR C 172 1.89 14.69 -8.42
N ILE C 173 3.09 14.30 -8.83
CA ILE C 173 3.93 13.41 -8.05
C ILE C 173 4.68 14.26 -7.02
N PRO C 174 4.43 14.06 -5.71
CA PRO C 174 4.97 14.98 -4.72
C PRO C 174 6.46 14.82 -4.44
N TYR C 175 6.99 15.73 -3.62
CA TYR C 175 8.33 15.60 -3.07
C TYR C 175 8.30 14.46 -2.06
N ALA C 176 8.74 13.27 -2.48
CA ALA C 176 8.48 12.05 -1.72
C ALA C 176 9.76 11.37 -1.26
N SER C 177 10.66 12.13 -0.66
CA SER C 177 11.89 11.57 -0.14
C SER C 177 12.10 11.90 1.32
N PHE C 178 12.96 11.12 1.95
CA PHE C 178 13.28 11.30 3.37
C PHE C 178 14.39 12.32 3.57
N GLN C 179 15.31 12.40 2.61
CA GLN C 179 16.35 13.42 2.63
C GLN C 179 15.73 14.78 2.32
N GLU C 180 16.07 15.78 3.12
CA GLU C 180 15.71 17.16 2.80
C GLU C 180 16.51 17.59 1.58
N ALA C 181 15.83 18.13 0.57
CA ALA C 181 16.44 18.85 -0.54
C ALA C 181 17.46 18.02 -1.35
N TYR C 182 16.95 17.27 -2.32
CA TYR C 182 17.70 16.34 -3.19
C TYR C 182 19.12 16.76 -3.52
N ASP C 183 20.08 15.84 -3.37
CA ASP C 183 21.45 16.14 -3.75
C ASP C 183 21.61 16.04 -5.27
N LEU C 184 22.51 16.83 -5.81
CA LEU C 184 22.79 16.86 -7.26
C LEU C 184 24.21 16.40 -7.59
N VAL C 185 25.20 16.95 -6.90
CA VAL C 185 26.58 16.56 -7.13
C VAL C 185 26.80 15.18 -6.51
N THR C 186 27.37 14.26 -7.30
CA THR C 186 27.41 12.82 -6.99
C THR C 186 26.00 12.33 -6.66
N GLY C 187 25.15 12.39 -7.68
CA GLY C 187 23.73 12.16 -7.52
C GLY C 187 23.37 10.71 -7.73
N THR C 188 22.58 10.16 -6.81
CA THR C 188 21.98 8.84 -6.96
C THR C 188 20.52 8.96 -6.52
N GLU C 189 19.82 9.91 -7.14
CA GLU C 189 18.55 10.43 -6.61
C GLU C 189 17.43 9.38 -6.61
N ASP C 190 16.97 9.02 -7.81
CA ASP C 190 16.00 7.94 -8.11
C ASP C 190 14.96 7.57 -7.04
N PHE C 191 14.28 8.57 -6.51
CA PHE C 191 13.43 8.36 -5.33
C PHE C 191 12.08 7.77 -5.72
N VAL C 192 11.28 8.54 -6.45
CA VAL C 192 10.00 8.04 -6.94
C VAL C 192 10.24 7.44 -8.32
N GLN C 193 9.72 6.23 -8.56
CA GLN C 193 9.97 5.50 -9.79
C GLN C 193 8.65 5.08 -10.41
N LEU C 194 8.32 5.76 -11.51
CA LEU C 194 7.01 5.69 -12.15
C LEU C 194 6.84 4.42 -12.99
N TYR C 195 5.59 4.08 -13.28
CA TYR C 195 5.26 2.95 -14.13
C TYR C 195 4.04 3.23 -14.98
N LEU C 196 3.81 2.35 -15.95
CA LEU C 196 2.64 2.41 -16.82
C LEU C 196 2.18 0.99 -17.11
N PHE C 197 0.99 0.64 -16.63
CA PHE C 197 0.47 -0.72 -16.74
C PHE C 197 -0.78 -0.73 -17.60
N PRO C 198 -0.90 -1.71 -18.51
CA PRO C 198 -2.20 -1.93 -19.15
C PRO C 198 -3.06 -2.91 -18.36
N ILE C 199 -4.29 -2.54 -18.03
CA ILE C 199 -5.17 -3.45 -17.28
C ILE C 199 -5.84 -4.42 -18.22
N THR C 200 -6.61 -3.91 -19.16
CA THR C 200 -7.17 -4.78 -20.17
C THR C 200 -6.24 -4.75 -21.38
N PRO C 201 -6.16 -5.88 -22.11
CA PRO C 201 -5.43 -5.81 -23.38
C PRO C 201 -6.15 -4.90 -24.37
N VAL C 202 -5.37 -4.26 -25.24
CA VAL C 202 -5.93 -3.35 -26.25
C VAL C 202 -6.71 -4.20 -27.25
N LEU C 203 -7.90 -3.73 -27.61
CA LEU C 203 -8.83 -4.52 -28.42
C LEU C 203 -9.09 -3.86 -29.75
N GLY C 204 -9.04 -4.65 -30.82
CA GLY C 204 -9.37 -4.21 -32.16
C GLY C 204 -9.80 -5.38 -33.01
N PRO C 205 -10.11 -5.13 -34.30
CA PRO C 205 -10.51 -6.23 -35.17
C PRO C 205 -9.36 -7.21 -35.43
N LYS C 206 -9.66 -8.50 -35.35
CA LYS C 206 -8.64 -9.55 -35.44
C LYS C 206 -8.11 -9.77 -36.86
N SER C 207 -8.80 -9.25 -37.87
CA SER C 207 -8.24 -9.19 -39.20
C SER C 207 -7.18 -8.08 -39.27
N GLU C 208 -6.03 -8.40 -39.85
CA GLU C 208 -4.89 -7.49 -39.90
C GLU C 208 -4.86 -6.72 -41.22
N SER C 209 -3.75 -6.01 -41.46
CA SER C 209 -3.65 -4.94 -42.45
C SER C 209 -4.71 -3.87 -42.18
N GLU C 210 -4.85 -3.51 -40.91
CA GLU C 210 -5.80 -2.51 -40.43
C GLU C 210 -5.16 -1.38 -39.60
N SER C 211 -4.04 -1.69 -38.93
CA SER C 211 -3.23 -0.69 -38.22
C SER C 211 -4.00 0.03 -37.10
N SER C 212 -4.30 -0.74 -36.05
CA SER C 212 -4.91 -0.20 -34.82
C SER C 212 -3.82 0.33 -33.88
N LYS C 213 -3.52 1.63 -33.98
CA LYS C 213 -2.45 2.26 -33.20
C LYS C 213 -3.00 2.98 -31.98
N VAL C 214 -2.11 3.41 -31.10
CA VAL C 214 -2.49 4.11 -29.87
C VAL C 214 -1.73 5.44 -29.69
N ASP C 215 -0.40 5.39 -29.72
CA ASP C 215 0.47 6.56 -29.79
C ASP C 215 0.34 7.51 -28.59
N ILE C 216 0.78 7.03 -27.44
CA ILE C 216 0.84 7.81 -26.20
C ILE C 216 2.09 8.71 -26.25
N SER C 217 2.01 9.90 -25.63
CA SER C 217 3.21 10.70 -25.35
C SER C 217 3.19 11.21 -23.92
N VAL C 218 4.38 11.51 -23.40
CA VAL C 218 4.57 11.86 -21.99
C VAL C 218 5.23 13.23 -21.87
N TYR C 219 4.61 14.11 -21.08
CA TYR C 219 5.17 15.42 -20.77
C TYR C 219 5.44 15.49 -19.27
N MET C 220 6.62 15.98 -18.89
CA MET C 220 6.97 16.18 -17.49
C MET C 220 7.60 17.55 -17.28
N TRP C 221 7.28 18.16 -16.15
CA TRP C 221 7.92 19.40 -15.72
C TRP C 221 7.83 19.53 -14.22
N LEU C 222 8.73 20.32 -13.66
CA LEU C 222 8.83 20.47 -12.20
C LEU C 222 7.90 21.56 -11.69
N SER C 223 7.65 21.56 -10.39
CA SER C 223 6.81 22.56 -9.76
C SER C 223 7.19 22.73 -8.29
N ASN C 224 6.88 23.91 -7.76
CA ASN C 224 7.16 24.30 -6.37
C ASN C 224 8.62 24.10 -5.99
N ILE C 225 9.51 24.57 -6.86
CA ILE C 225 10.92 24.29 -6.72
C ILE C 225 11.62 25.33 -5.86
N SER C 226 12.69 24.90 -5.19
CA SER C 226 13.57 25.79 -4.46
C SER C 226 14.99 25.28 -4.68
N LEU C 227 15.86 26.15 -5.21
CA LEU C 227 17.19 25.77 -5.63
C LEU C 227 18.16 26.70 -4.92
N VAL C 228 18.99 26.16 -4.04
CA VAL C 228 19.54 26.95 -2.94
C VAL C 228 21.06 27.14 -2.91
N ILE C 229 21.81 26.06 -2.72
CA ILE C 229 23.22 26.23 -2.36
C ILE C 229 24.10 26.23 -3.61
N PRO C 230 25.01 27.22 -3.74
CA PRO C 230 25.94 27.25 -4.87
C PRO C 230 27.20 26.40 -4.64
N THR C 231 27.64 25.68 -5.68
CA THR C 231 28.89 24.92 -5.63
C THR C 231 29.73 25.21 -6.87
N TYR C 232 30.83 24.48 -7.04
CA TYR C 232 31.66 24.55 -8.23
C TYR C 232 31.56 23.33 -9.13
N ARG C 233 31.27 22.16 -8.57
CA ARG C 233 31.08 20.94 -9.36
C ARG C 233 29.73 20.96 -10.06
N ILE C 234 29.74 19.61 -10.72
CA ILE C 234 28.55 18.88 -11.10
C ILE C 234 28.86 17.54 -11.80
N ASN C 235 27.94 16.61 -11.69
CA ASN C 235 28.00 15.38 -12.47
C ASN C 235 27.73 15.69 -13.95
N PRO C 236 28.45 15.00 -14.87
CA PRO C 236 28.19 15.21 -16.30
C PRO C 236 26.88 14.55 -16.74
#